data_1IT7
#
_entry.id   1IT7
#
_cell.length_a   100.201
_cell.length_b   100.201
_cell.length_c   364.658
_cell.angle_alpha   90.00
_cell.angle_beta   90.00
_cell.angle_gamma   90.00
#
_symmetry.space_group_name_H-M   'P 43 21 2'
#
loop_
_entity.id
_entity.type
_entity.pdbx_description
1 polymer 'Archaeosine tRNA-guanine transglycosylase'
2 non-polymer 'ZINC ION'
3 non-polymer 'MAGNESIUM ION'
4 non-polymer GUANINE
5 water water
#
_entity_poly.entity_id   1
_entity_poly.type   'polypeptide(L)'
_entity_poly.pdbx_seq_one_letter_code
;MSRGDKMLKFEIKARDGAGRIGKLEVNGKKIETPAIMPVVNPKQMVVEPKELEKMGFEIIITNSYIIYKDEELRRKALEL
GIHRMLDYNGIIEVDSGSFQLMKYGSIEVSNREIIEFQHRIGVDIGTFLDIPTPPDAPREQAVKELEITLSRAREAEEIK
EIPMNATIQGSTYTDLRRYAARRLSSMNFEIHPIGGVVPLLESYRFRDVVDIVISSKMALRPDRPVHLFGAGHPIVFALA
VAMGVDLFDSASYALYAKDDRYMTPEGTKRLDELDYFPCSCPVCSKYTPQELREMPKEERTRLLALHNLWVIKEEIKRVK
QAIKEGELWRLVDERARSHPKLYSAYKRLLEHYTFLEEFEPITKKSALFKISNESLRWPVVRRAKERAKSINERFGELVE
HPIFGRVSRYLSLTYPFAQSEAEDDFKIEKPTKEDAIKYVMAIAEYQFGEGASRAFDDAKVELSKTGMPRQVKVNGKRLA
TVRADDGLLTLGIEGAKRLHRVLPYPRMRVVVNKEAEPFARKGKDVFAKFVIFADPGIRPYDEVLVVNENDELLATGQAL
LSGREMIVFQYGRAVKVRKGVE
;
_entity_poly.pdbx_strand_id   A,B
#
loop_
_chem_comp.id
_chem_comp.type
_chem_comp.name
_chem_comp.formula
GUN non-polymer GUANINE 'C5 H5 N5 O'
MG non-polymer 'MAGNESIUM ION' 'Mg 2'
ZN non-polymer 'ZINC ION' 'Zn 2'
#
# COMPACT_ATOMS: atom_id res chain seq x y z
N LYS A 6 12.89 6.61 39.40
CA LYS A 6 12.61 6.82 37.95
C LYS A 6 13.84 6.68 37.08
N MET A 7 14.08 5.46 36.60
CA MET A 7 15.23 5.20 35.75
C MET A 7 14.82 5.27 34.28
N LEU A 8 13.52 5.17 34.03
CA LEU A 8 12.96 5.18 32.69
C LEU A 8 12.05 6.39 32.50
N LYS A 9 12.35 7.22 31.51
CA LYS A 9 11.52 8.38 31.22
C LYS A 9 10.87 8.17 29.86
N PHE A 10 9.60 8.54 29.75
CA PHE A 10 8.89 8.40 28.50
C PHE A 10 7.96 9.60 28.27
N GLU A 11 8.06 10.21 27.10
CA GLU A 11 7.20 11.34 26.77
C GLU A 11 6.79 11.32 25.31
N ILE A 12 5.60 11.85 25.06
CA ILE A 12 5.05 11.90 23.71
C ILE A 12 5.52 13.14 22.97
N LYS A 13 6.01 12.95 21.74
CA LYS A 13 6.47 14.07 20.92
C LYS A 13 5.53 14.44 19.79
N ALA A 14 4.83 13.43 19.25
CA ALA A 14 3.86 13.62 18.17
C ALA A 14 2.94 12.43 18.25
N ARG A 15 1.75 12.55 17.66
CA ARG A 15 0.80 11.45 17.73
C ARG A 15 -0.26 11.43 16.64
N ASP A 16 -0.88 10.27 16.49
CA ASP A 16 -1.97 10.08 15.54
C ASP A 16 -2.67 8.82 16.02
N GLY A 17 -3.98 8.74 15.77
CA GLY A 17 -4.75 7.59 16.24
C GLY A 17 -4.47 7.46 17.73
N ALA A 18 -4.23 6.24 18.20
CA ALA A 18 -3.90 6.01 19.59
C ALA A 18 -2.39 5.84 19.64
N GLY A 19 -1.75 6.09 18.50
CA GLY A 19 -0.31 5.95 18.40
C GLY A 19 0.48 7.19 18.74
N ARG A 20 1.78 7.02 18.93
CA ARG A 20 2.61 8.15 19.27
C ARG A 20 4.07 7.93 18.97
N ILE A 21 4.77 9.04 18.76
CA ILE A 21 6.21 9.02 18.53
C ILE A 21 6.67 9.50 19.89
N GLY A 22 7.44 8.68 20.59
CA GLY A 22 7.88 9.10 21.89
C GLY A 22 9.38 9.17 22.04
N LYS A 23 9.80 9.84 23.10
CA LYS A 23 11.21 9.95 23.43
C LYS A 23 11.30 9.02 24.64
N LEU A 24 12.20 8.04 24.59
CA LEU A 24 12.36 7.09 25.70
C LEU A 24 13.80 7.15 26.20
N GLU A 25 13.98 7.42 27.48
CA GLU A 25 15.30 7.51 28.07
C GLU A 25 15.46 6.45 29.18
N VAL A 26 16.54 5.68 29.10
CA VAL A 26 16.81 4.65 30.08
C VAL A 26 18.22 4.86 30.59
N ASN A 27 18.35 5.10 31.89
CA ASN A 27 19.65 5.34 32.51
C ASN A 27 20.60 6.11 31.59
N GLY A 28 20.11 7.20 31.02
CA GLY A 28 20.95 8.02 30.16
C GLY A 28 20.96 7.77 28.66
N LYS A 29 20.37 6.67 28.21
CA LYS A 29 20.33 6.38 26.79
C LYS A 29 18.98 6.78 26.23
N LYS A 30 19.01 7.56 25.14
CA LYS A 30 17.79 8.05 24.51
C LYS A 30 17.47 7.40 23.17
N ILE A 31 16.23 6.97 23.03
CA ILE A 31 15.80 6.33 21.79
C ILE A 31 14.43 6.92 21.42
N GLU A 32 14.11 6.94 20.14
CA GLU A 32 12.81 7.47 19.69
C GLU A 32 11.89 6.29 19.37
N THR A 33 10.66 6.33 19.86
CA THR A 33 9.69 5.26 19.58
C THR A 33 8.63 5.81 18.63
N PRO A 34 7.93 4.96 17.87
CA PRO A 34 7.99 3.49 17.77
C PRO A 34 9.37 3.00 17.34
N ALA A 35 9.80 1.88 17.92
CA ALA A 35 11.11 1.33 17.59
C ALA A 35 11.07 -0.18 17.63
N ILE A 36 11.94 -0.80 16.86
CA ILE A 36 11.99 -2.24 16.84
C ILE A 36 13.35 -2.74 17.27
N MET A 37 13.38 -3.69 18.19
CA MET A 37 14.64 -4.21 18.64
C MET A 37 14.88 -5.58 18.02
N PRO A 38 15.97 -5.70 17.26
CA PRO A 38 16.26 -6.99 16.64
C PRO A 38 16.63 -7.98 17.75
N VAL A 39 16.22 -9.23 17.58
CA VAL A 39 16.54 -10.28 18.54
C VAL A 39 17.91 -10.82 18.12
N VAL A 40 18.81 -10.98 19.07
CA VAL A 40 20.13 -11.51 18.73
C VAL A 40 20.38 -12.84 19.41
N ASN A 41 20.68 -13.86 18.63
CA ASN A 41 20.96 -15.19 19.16
C ASN A 41 22.42 -15.20 19.59
N PRO A 42 22.67 -15.28 20.90
CA PRO A 42 24.02 -15.28 21.48
C PRO A 42 24.89 -16.39 20.98
N LYS A 43 24.29 -17.43 20.40
CA LYS A 43 25.06 -18.54 19.88
C LYS A 43 25.42 -18.40 18.40
N GLN A 44 24.50 -17.86 17.62
CA GLN A 44 24.76 -17.69 16.20
C GLN A 44 24.21 -16.35 15.74
N MET A 45 25.03 -15.32 15.78
CA MET A 45 24.61 -13.99 15.37
C MET A 45 24.72 -13.79 13.87
N VAL A 46 23.58 -13.91 13.19
CA VAL A 46 23.53 -13.75 11.74
C VAL A 46 24.06 -12.40 11.31
N VAL A 47 23.75 -11.38 12.10
CA VAL A 47 24.20 -10.03 11.85
C VAL A 47 24.83 -9.57 13.16
N GLU A 48 26.08 -9.14 13.13
CA GLU A 48 26.75 -8.72 14.36
C GLU A 48 26.09 -7.50 15.00
N PRO A 49 25.91 -7.53 16.33
CA PRO A 49 25.30 -6.40 17.04
C PRO A 49 25.92 -5.06 16.63
N LYS A 50 27.23 -5.02 16.47
CA LYS A 50 27.89 -3.78 16.08
C LYS A 50 27.42 -3.30 14.71
N GLU A 51 27.06 -4.23 13.82
CA GLU A 51 26.57 -3.87 12.50
C GLU A 51 25.11 -3.39 12.58
N LEU A 52 24.35 -4.00 13.49
CA LEU A 52 22.95 -3.61 13.70
C LEU A 52 22.97 -2.17 14.20
N GLU A 53 23.92 -1.89 15.08
CA GLU A 53 24.06 -0.55 15.64
C GLU A 53 24.39 0.42 14.51
N LYS A 54 25.30 0.03 13.61
CA LYS A 54 25.68 0.89 12.49
C LYS A 54 24.46 1.13 11.58
N MET A 55 23.58 0.14 11.50
CA MET A 55 22.39 0.26 10.68
C MET A 55 21.37 1.19 11.32
N GLY A 56 21.60 1.55 12.58
CA GLY A 56 20.68 2.44 13.25
C GLY A 56 19.79 1.81 14.31
N PHE A 57 20.11 0.58 14.71
CA PHE A 57 19.35 -0.10 15.74
C PHE A 57 19.97 0.21 17.09
N GLU A 58 19.35 1.17 17.78
CA GLU A 58 19.86 1.61 19.07
C GLU A 58 19.29 0.87 20.26
N ILE A 59 18.61 -0.24 20.00
CA ILE A 59 18.03 -1.08 21.05
C ILE A 59 17.90 -2.46 20.44
N ILE A 60 18.21 -3.47 21.25
CA ILE A 60 18.16 -4.86 20.80
C ILE A 60 17.78 -5.70 22.00
N ILE A 61 17.57 -6.99 21.78
CA ILE A 61 17.21 -7.86 22.87
C ILE A 61 17.85 -9.24 22.69
N THR A 62 18.13 -9.91 23.81
CA THR A 62 18.71 -11.25 23.79
C THR A 62 18.10 -12.05 24.92
N ASN A 63 18.36 -13.36 24.89
CA ASN A 63 17.82 -14.29 25.86
C ASN A 63 18.79 -14.51 27.02
N SER A 64 18.53 -13.85 28.15
CA SER A 64 19.39 -14.00 29.31
C SER A 64 19.39 -15.48 29.77
N TYR A 65 18.29 -16.17 29.51
CA TYR A 65 18.20 -17.57 29.90
C TYR A 65 19.14 -18.43 29.07
N ILE A 66 19.16 -18.20 27.77
CA ILE A 66 20.04 -18.97 26.90
C ILE A 66 21.48 -18.71 27.31
N ILE A 67 21.78 -17.45 27.63
CA ILE A 67 23.13 -17.07 28.04
C ILE A 67 23.50 -17.78 29.34
N TYR A 68 22.58 -17.74 30.29
CA TYR A 68 22.77 -18.34 31.60
C TYR A 68 23.11 -19.83 31.53
N LYS A 69 22.45 -20.55 30.61
CA LYS A 69 22.66 -21.99 30.47
C LYS A 69 23.93 -22.41 29.76
N ASP A 70 24.41 -21.60 28.82
CA ASP A 70 25.62 -21.97 28.10
C ASP A 70 26.81 -21.54 28.94
N GLU A 71 27.66 -22.51 29.29
CA GLU A 71 28.83 -22.25 30.11
C GLU A 71 29.73 -21.14 29.56
N GLU A 72 30.05 -21.21 28.28
CA GLU A 72 30.90 -20.21 27.65
C GLU A 72 30.25 -18.83 27.62
N LEU A 73 28.98 -18.76 27.25
CA LEU A 73 28.29 -17.47 27.16
C LEU A 73 28.19 -16.79 28.52
N ARG A 74 27.73 -17.54 29.52
CA ARG A 74 27.59 -17.03 30.86
C ARG A 74 28.94 -16.52 31.38
N ARG A 75 29.98 -17.29 31.14
CA ARG A 75 31.32 -16.92 31.60
C ARG A 75 31.71 -15.55 31.04
N LYS A 76 31.50 -15.37 29.74
CA LYS A 76 31.84 -14.12 29.09
C LYS A 76 30.95 -12.97 29.53
N ALA A 77 29.66 -13.26 29.71
CA ALA A 77 28.69 -12.26 30.14
C ALA A 77 29.01 -11.74 31.54
N LEU A 78 29.50 -12.62 32.40
CA LEU A 78 29.85 -12.27 33.77
C LEU A 78 31.21 -11.60 33.81
N GLU A 79 32.02 -11.87 32.80
CA GLU A 79 33.36 -11.32 32.73
C GLU A 79 33.42 -9.90 32.19
N LEU A 80 32.67 -9.64 31.11
CA LEU A 80 32.70 -8.35 30.44
C LEU A 80 31.42 -7.52 30.41
N GLY A 81 30.29 -8.11 30.81
CA GLY A 81 29.00 -7.40 30.76
C GLY A 81 28.44 -7.69 29.37
N ILE A 82 27.12 -7.76 29.18
CA ILE A 82 26.56 -8.07 27.84
C ILE A 82 27.01 -7.06 26.80
N HIS A 83 27.14 -5.81 27.21
CA HIS A 83 27.54 -4.74 26.30
C HIS A 83 28.88 -5.05 25.63
N ARG A 84 29.90 -5.30 26.44
CA ARG A 84 31.20 -5.64 25.88
C ARG A 84 31.18 -7.02 25.24
N MET A 85 30.34 -7.90 25.76
CA MET A 85 30.25 -9.24 25.21
C MET A 85 29.71 -9.20 23.79
N LEU A 86 28.73 -8.34 23.56
CA LEU A 86 28.12 -8.22 22.23
C LEU A 86 28.79 -7.13 21.43
N ASP A 87 29.59 -6.31 22.12
CA ASP A 87 30.27 -5.18 21.52
C ASP A 87 29.18 -4.30 20.88
N TYR A 88 28.23 -3.90 21.72
CA TYR A 88 27.09 -3.09 21.32
C TYR A 88 26.90 -2.00 22.38
N ASN A 89 26.70 -0.75 21.96
CA ASN A 89 26.55 0.36 22.91
C ASN A 89 25.18 0.95 23.14
N GLY A 90 24.19 0.50 22.39
CA GLY A 90 22.84 1.03 22.56
C GLY A 90 22.17 0.38 23.75
N ILE A 91 20.84 0.38 23.74
CA ILE A 91 20.06 -0.19 24.83
C ILE A 91 19.92 -1.70 24.63
N ILE A 92 20.41 -2.47 25.59
CA ILE A 92 20.30 -3.92 25.49
C ILE A 92 19.23 -4.42 26.43
N GLU A 93 18.11 -4.83 25.86
CA GLU A 93 17.00 -5.36 26.62
C GLU A 93 17.24 -6.86 26.60
N VAL A 94 16.73 -7.57 27.59
CA VAL A 94 16.97 -9.00 27.63
C VAL A 94 15.71 -9.71 28.08
N ASP A 95 15.43 -10.88 27.51
CA ASP A 95 14.24 -11.62 27.93
C ASP A 95 14.63 -12.60 29.05
N SER A 96 13.62 -13.14 29.70
CA SER A 96 13.79 -14.03 30.84
C SER A 96 13.88 -15.52 30.57
N GLY A 97 13.35 -15.94 29.43
CA GLY A 97 13.33 -17.36 29.11
C GLY A 97 11.88 -17.79 29.08
N SER A 98 10.98 -16.82 29.22
CA SER A 98 9.54 -17.06 29.19
C SER A 98 9.13 -17.73 27.88
N PHE A 99 9.87 -17.43 26.82
CA PHE A 99 9.57 -18.01 25.52
C PHE A 99 9.91 -19.49 25.52
N GLN A 100 10.92 -19.87 26.28
CA GLN A 100 11.31 -21.28 26.37
C GLN A 100 10.26 -21.96 27.24
N LEU A 101 9.61 -21.16 28.06
CA LEU A 101 8.57 -21.66 28.95
C LEU A 101 7.37 -22.03 28.10
N MET A 102 7.02 -21.15 27.17
CA MET A 102 5.89 -21.36 26.28
C MET A 102 6.07 -22.58 25.37
N LYS A 103 7.32 -23.01 25.18
CA LYS A 103 7.63 -24.14 24.30
C LYS A 103 7.88 -25.47 25.03
N TYR A 104 8.38 -25.40 26.27
CA TYR A 104 8.71 -26.60 27.04
C TYR A 104 7.97 -26.73 28.36
N GLY A 105 7.25 -25.68 28.76
CA GLY A 105 6.50 -25.71 30.01
C GLY A 105 7.30 -25.51 31.28
N SER A 106 8.47 -26.13 31.35
CA SER A 106 9.32 -25.98 32.53
C SER A 106 10.69 -25.46 32.12
N ILE A 107 11.24 -24.57 32.93
CA ILE A 107 12.54 -23.97 32.66
C ILE A 107 13.46 -24.23 33.87
N GLU A 108 14.75 -24.40 33.64
CA GLU A 108 15.69 -24.68 34.74
C GLU A 108 16.38 -23.46 35.34
N VAL A 109 15.58 -22.55 35.91
CA VAL A 109 16.08 -21.34 36.55
C VAL A 109 14.88 -20.68 37.21
N SER A 110 15.11 -20.10 38.38
CA SER A 110 14.03 -19.44 39.11
C SER A 110 13.91 -17.97 38.76
N ASN A 111 12.72 -17.42 38.95
CA ASN A 111 12.45 -16.03 38.66
C ASN A 111 13.53 -15.14 39.31
N ARG A 112 13.72 -15.32 40.61
CA ARG A 112 14.72 -14.51 41.32
C ARG A 112 16.10 -14.67 40.69
N GLU A 113 16.44 -15.91 40.34
CA GLU A 113 17.74 -16.21 39.75
C GLU A 113 18.10 -15.51 38.45
N ILE A 114 17.22 -15.55 37.44
CA ILE A 114 17.57 -14.87 36.19
C ILE A 114 17.55 -13.37 36.36
N ILE A 115 16.69 -12.88 37.24
CA ILE A 115 16.60 -11.45 37.50
C ILE A 115 17.95 -10.99 38.05
N GLU A 116 18.44 -11.71 39.05
CA GLU A 116 19.71 -11.38 39.66
C GLU A 116 20.81 -11.50 38.62
N PHE A 117 20.65 -12.45 37.71
CA PHE A 117 21.65 -12.67 36.67
C PHE A 117 21.65 -11.50 35.71
N GLN A 118 20.46 -11.02 35.38
CA GLN A 118 20.30 -9.89 34.46
C GLN A 118 21.05 -8.69 35.06
N HIS A 119 20.96 -8.55 36.37
CA HIS A 119 21.64 -7.46 37.06
C HIS A 119 23.16 -7.63 36.95
N ARG A 120 23.64 -8.84 37.23
CA ARG A 120 25.07 -9.13 37.18
C ARG A 120 25.77 -8.86 35.84
N ILE A 121 25.06 -9.02 34.72
CA ILE A 121 25.68 -8.79 33.44
C ILE A 121 25.48 -7.37 32.89
N GLY A 122 24.99 -6.46 33.72
CA GLY A 122 24.82 -5.07 33.30
C GLY A 122 23.85 -4.83 32.15
N VAL A 123 22.67 -5.43 32.27
CA VAL A 123 21.62 -5.32 31.26
C VAL A 123 20.92 -3.95 31.36
N ASP A 124 20.52 -3.35 30.24
CA ASP A 124 19.83 -2.06 30.31
C ASP A 124 18.40 -2.24 30.82
N ILE A 125 17.68 -3.22 30.30
CA ILE A 125 16.32 -3.49 30.72
C ILE A 125 16.14 -5.00 30.88
N GLY A 126 15.60 -5.42 32.00
CA GLY A 126 15.39 -6.84 32.25
C GLY A 126 13.94 -7.25 32.10
N THR A 127 13.68 -8.53 32.34
CA THR A 127 12.34 -9.09 32.22
C THR A 127 12.27 -10.28 33.17
N PHE A 128 11.18 -10.41 33.92
CA PHE A 128 11.03 -11.53 34.84
C PHE A 128 10.30 -12.68 34.16
N LEU A 129 10.29 -13.85 34.81
CA LEU A 129 9.65 -15.04 34.28
C LEU A 129 8.13 -15.01 34.16
N ASP A 130 7.60 -14.07 33.38
CA ASP A 130 6.16 -14.00 33.17
C ASP A 130 5.75 -15.22 32.34
N ILE A 131 4.56 -15.76 32.58
CA ILE A 131 4.09 -16.96 31.85
C ILE A 131 3.21 -16.66 30.64
N PRO A 132 3.68 -17.00 29.43
CA PRO A 132 2.93 -16.76 28.18
C PRO A 132 1.81 -17.74 27.91
N THR A 133 0.71 -17.62 28.65
CA THR A 133 -0.42 -18.52 28.44
C THR A 133 -0.84 -18.49 26.97
N PRO A 134 -1.02 -19.67 26.36
CA PRO A 134 -1.42 -19.77 24.95
C PRO A 134 -2.84 -19.24 24.75
N PRO A 135 -3.20 -18.97 23.49
CA PRO A 135 -4.52 -18.47 23.10
C PRO A 135 -5.57 -19.57 23.28
N ASP A 136 -6.80 -19.18 23.55
CA ASP A 136 -7.88 -20.16 23.74
C ASP A 136 -7.52 -21.26 24.73
N ALA A 137 -6.88 -20.91 25.83
CA ALA A 137 -6.51 -21.92 26.82
C ALA A 137 -7.61 -21.97 27.88
N PRO A 138 -7.73 -23.11 28.58
CA PRO A 138 -8.77 -23.23 29.63
C PRO A 138 -8.69 -22.04 30.57
N ARG A 139 -9.81 -21.36 30.78
CA ARG A 139 -9.81 -20.20 31.67
C ARG A 139 -9.11 -20.54 32.97
N GLU A 140 -9.23 -21.80 33.38
CA GLU A 140 -8.60 -22.27 34.61
C GLU A 140 -7.10 -22.05 34.54
N GLN A 141 -6.48 -22.53 33.46
CA GLN A 141 -5.05 -22.40 33.26
C GLN A 141 -4.62 -20.93 33.10
N ALA A 142 -5.42 -20.16 32.37
CA ALA A 142 -5.12 -18.76 32.16
C ALA A 142 -5.04 -18.01 33.48
N VAL A 143 -5.93 -18.36 34.40
CA VAL A 143 -5.96 -17.72 35.71
C VAL A 143 -4.86 -18.19 36.64
N LYS A 144 -4.68 -19.50 36.71
CA LYS A 144 -3.65 -20.09 37.57
C LYS A 144 -2.29 -19.51 37.18
N GLU A 145 -2.00 -19.52 35.88
CA GLU A 145 -0.74 -19.03 35.36
C GLU A 145 -0.56 -17.53 35.59
N LEU A 146 -1.60 -16.74 35.34
CA LEU A 146 -1.50 -15.31 35.52
C LEU A 146 -1.13 -14.95 36.95
N GLU A 147 -1.78 -15.60 37.91
CA GLU A 147 -1.51 -15.32 39.32
C GLU A 147 -0.05 -15.57 39.66
N ILE A 148 0.53 -16.60 39.07
CA ILE A 148 1.94 -16.89 39.29
C ILE A 148 2.74 -15.74 38.68
N THR A 149 2.36 -15.34 37.47
CA THR A 149 3.01 -14.24 36.77
C THR A 149 3.02 -13.02 37.67
N LEU A 150 1.85 -12.71 38.26
CA LEU A 150 1.72 -11.56 39.14
C LEU A 150 2.56 -11.73 40.40
N SER A 151 2.65 -12.97 40.88
CA SER A 151 3.43 -13.26 42.06
C SER A 151 4.90 -13.03 41.74
N ARG A 152 5.34 -13.56 40.60
CA ARG A 152 6.72 -13.41 40.18
C ARG A 152 6.99 -11.93 39.94
N ALA A 153 5.93 -11.18 39.61
CA ALA A 153 6.06 -9.76 39.36
C ALA A 153 6.32 -9.04 40.67
N ARG A 154 5.55 -9.37 41.70
CA ARG A 154 5.75 -8.72 43.00
C ARG A 154 7.17 -8.99 43.48
N GLU A 155 7.66 -10.20 43.26
CA GLU A 155 9.02 -10.52 43.66
C GLU A 155 10.01 -9.62 42.91
N ALA A 156 9.83 -9.50 41.60
CA ALA A 156 10.72 -8.67 40.78
C ALA A 156 10.68 -7.22 41.23
N GLU A 157 9.51 -6.75 41.62
CA GLU A 157 9.36 -5.37 42.06
C GLU A 157 10.14 -5.14 43.35
N GLU A 158 10.31 -6.20 44.13
CA GLU A 158 11.02 -6.08 45.39
C GLU A 158 12.53 -5.99 45.24
N ILE A 159 13.08 -6.82 44.36
CA ILE A 159 14.53 -6.86 44.18
C ILE A 159 15.16 -6.12 43.02
N LYS A 160 14.38 -5.72 42.02
CA LYS A 160 14.96 -5.04 40.88
C LYS A 160 15.63 -3.70 41.21
N GLU A 161 16.75 -3.46 40.56
CA GLU A 161 17.54 -2.24 40.71
C GLU A 161 17.71 -1.63 39.32
N ILE A 162 17.06 -2.23 38.34
CA ILE A 162 17.15 -1.80 36.94
C ILE A 162 15.76 -1.76 36.30
N PRO A 163 15.63 -1.05 35.17
CA PRO A 163 14.34 -0.96 34.48
C PRO A 163 13.90 -2.35 34.04
N MET A 164 12.61 -2.67 34.19
CA MET A 164 12.15 -4.00 33.81
C MET A 164 10.80 -4.05 33.13
N ASN A 165 10.64 -5.08 32.30
CA ASN A 165 9.42 -5.36 31.57
C ASN A 165 8.47 -6.11 32.48
N ALA A 166 7.22 -5.68 32.51
CA ALA A 166 6.18 -6.33 33.29
C ALA A 166 5.12 -6.64 32.25
N THR A 167 5.22 -7.85 31.68
CA THR A 167 4.33 -8.33 30.62
C THR A 167 2.90 -8.71 31.02
N ILE A 168 1.93 -8.29 30.21
CA ILE A 168 0.52 -8.59 30.44
C ILE A 168 0.18 -9.94 29.79
N GLN A 169 -0.47 -10.81 30.54
CA GLN A 169 -0.85 -12.12 29.99
C GLN A 169 -2.37 -12.24 30.13
N GLY A 170 -2.88 -13.46 30.26
CA GLY A 170 -4.31 -13.64 30.43
C GLY A 170 -4.93 -14.34 29.24
N SER A 171 -4.07 -14.87 28.38
CA SER A 171 -4.51 -15.59 27.19
C SER A 171 -5.47 -14.74 26.35
N THR A 172 -6.50 -15.39 25.83
CA THR A 172 -7.50 -14.72 25.01
C THR A 172 -8.72 -14.22 25.78
N TYR A 173 -8.57 -14.00 27.09
CA TYR A 173 -9.68 -13.52 27.90
C TYR A 173 -9.47 -12.04 28.20
N THR A 174 -10.26 -11.20 27.55
CA THR A 174 -10.13 -9.77 27.72
C THR A 174 -10.29 -9.30 29.14
N ASP A 175 -11.02 -10.04 29.95
CA ASP A 175 -11.20 -9.62 31.34
C ASP A 175 -9.92 -9.92 32.14
N LEU A 176 -9.20 -10.97 31.76
CA LEU A 176 -7.95 -11.29 32.45
C LEU A 176 -6.90 -10.26 32.01
N ARG A 177 -6.98 -9.84 30.75
CA ARG A 177 -6.04 -8.85 30.22
C ARG A 177 -6.21 -7.57 31.03
N ARG A 178 -7.44 -7.08 31.13
CA ARG A 178 -7.73 -5.85 31.89
C ARG A 178 -7.18 -5.93 33.31
N TYR A 179 -7.43 -7.06 33.95
CA TYR A 179 -6.96 -7.30 35.31
C TYR A 179 -5.44 -7.23 35.36
N ALA A 180 -4.77 -7.96 34.47
CA ALA A 180 -3.30 -7.94 34.45
C ALA A 180 -2.80 -6.50 34.29
N ALA A 181 -3.30 -5.81 33.26
CA ALA A 181 -2.90 -4.43 32.99
C ALA A 181 -3.07 -3.52 34.19
N ARG A 182 -4.27 -3.52 34.80
CA ARG A 182 -4.52 -2.67 35.97
C ARG A 182 -3.57 -2.98 37.14
N ARG A 183 -3.34 -4.27 37.39
CA ARG A 183 -2.45 -4.71 38.47
C ARG A 183 -1.00 -4.31 38.24
N LEU A 184 -0.46 -4.64 37.08
CA LEU A 184 0.94 -4.29 36.82
C LEU A 184 1.09 -2.77 36.68
N SER A 185 -0.01 -2.09 36.33
CA SER A 185 0.04 -0.63 36.18
C SER A 185 0.18 0.03 37.54
N SER A 186 -0.20 -0.68 38.60
CA SER A 186 -0.11 -0.12 39.94
C SER A 186 1.20 -0.50 40.61
N MET A 187 2.01 -1.29 39.92
CA MET A 187 3.31 -1.67 40.45
C MET A 187 4.39 -0.80 39.84
N ASN A 188 5.57 -0.81 40.45
CA ASN A 188 6.69 -0.01 39.99
C ASN A 188 7.46 -0.67 38.84
N PHE A 189 6.95 -0.54 37.63
CA PHE A 189 7.61 -1.10 36.46
C PHE A 189 7.65 0.00 35.39
N GLU A 190 8.64 -0.08 34.50
CA GLU A 190 8.79 0.94 33.48
C GLU A 190 8.25 0.66 32.08
N ILE A 191 8.11 -0.61 31.72
CA ILE A 191 7.59 -0.95 30.39
C ILE A 191 6.61 -2.10 30.51
N HIS A 192 5.52 -2.04 29.72
CA HIS A 192 4.51 -3.08 29.76
C HIS A 192 4.30 -3.87 28.49
N PRO A 193 5.05 -4.97 28.33
CA PRO A 193 4.89 -5.76 27.13
C PRO A 193 3.52 -6.45 27.18
N ILE A 194 3.05 -6.90 26.03
CA ILE A 194 1.79 -7.62 25.91
C ILE A 194 2.19 -8.97 25.35
N GLY A 195 2.12 -9.99 26.18
CA GLY A 195 2.52 -11.31 25.73
C GLY A 195 1.45 -12.31 25.37
N GLY A 196 1.91 -13.51 25.04
CA GLY A 196 1.04 -14.61 24.66
C GLY A 196 0.57 -14.57 23.23
N VAL A 197 0.82 -13.46 22.55
CA VAL A 197 0.37 -13.28 21.17
C VAL A 197 1.16 -13.94 20.04
N VAL A 198 2.37 -14.39 20.31
CA VAL A 198 3.17 -15.01 19.24
C VAL A 198 2.42 -16.04 18.38
N PRO A 199 1.74 -17.01 19.01
CA PRO A 199 1.02 -18.00 18.20
C PRO A 199 -0.05 -17.36 17.33
N LEU A 200 -0.66 -16.28 17.80
CA LEU A 200 -1.70 -15.60 17.00
C LEU A 200 -1.08 -14.97 15.76
N LEU A 201 0.03 -14.26 15.98
CA LEU A 201 0.73 -13.59 14.89
C LEU A 201 1.18 -14.58 13.84
N GLU A 202 1.69 -15.73 14.28
CA GLU A 202 2.17 -16.74 13.35
C GLU A 202 0.99 -17.26 12.54
N SER A 203 -0.14 -17.44 13.21
CA SER A 203 -1.35 -17.93 12.53
C SER A 203 -2.08 -16.84 11.76
N TYR A 204 -1.60 -15.61 11.85
CA TYR A 204 -2.23 -14.49 11.17
C TYR A 204 -3.60 -14.19 11.74
N ARG A 205 -3.75 -14.38 13.06
CA ARG A 205 -5.00 -14.10 13.74
C ARG A 205 -4.90 -12.68 14.31
N PHE A 206 -4.74 -11.73 13.41
CA PHE A 206 -4.57 -10.33 13.78
C PHE A 206 -5.77 -9.73 14.48
N ARG A 207 -6.95 -10.27 14.23
CA ARG A 207 -8.16 -9.77 14.86
C ARG A 207 -8.10 -10.07 16.36
N ASP A 208 -7.68 -11.28 16.71
CA ASP A 208 -7.58 -11.65 18.12
C ASP A 208 -6.51 -10.79 18.79
N VAL A 209 -5.45 -10.46 18.05
CA VAL A 209 -4.40 -9.62 18.62
C VAL A 209 -4.96 -8.24 18.92
N VAL A 210 -5.77 -7.71 18.00
CA VAL A 210 -6.38 -6.41 18.20
C VAL A 210 -7.16 -6.41 19.52
N ASP A 211 -8.03 -7.39 19.70
CA ASP A 211 -8.82 -7.48 20.92
C ASP A 211 -7.94 -7.53 22.17
N ILE A 212 -6.93 -8.39 22.16
CA ILE A 212 -6.01 -8.50 23.27
C ILE A 212 -5.29 -7.16 23.48
N VAL A 213 -4.83 -6.55 22.40
CA VAL A 213 -4.13 -5.27 22.53
C VAL A 213 -5.02 -4.13 23.03
N ILE A 214 -6.20 -3.99 22.46
CA ILE A 214 -7.08 -2.92 22.92
C ILE A 214 -7.50 -3.12 24.38
N SER A 215 -7.90 -4.34 24.75
CA SER A 215 -8.32 -4.53 26.14
C SER A 215 -7.15 -4.23 27.07
N SER A 216 -5.93 -4.52 26.63
CA SER A 216 -4.78 -4.22 27.48
C SER A 216 -4.54 -2.72 27.55
N LYS A 217 -4.54 -2.05 26.41
CA LYS A 217 -4.31 -0.60 26.39
C LYS A 217 -5.36 0.13 27.23
N MET A 218 -6.59 -0.36 27.19
CA MET A 218 -7.67 0.28 27.96
C MET A 218 -7.37 0.35 29.45
N ALA A 219 -6.92 -0.76 30.02
CA ALA A 219 -6.62 -0.83 31.45
C ALA A 219 -5.22 -0.33 31.81
N LEU A 220 -4.30 -0.30 30.87
CA LEU A 220 -2.93 0.15 31.15
C LEU A 220 -2.85 1.65 31.36
N ARG A 221 -1.95 2.07 32.25
CA ARG A 221 -1.78 3.50 32.47
C ARG A 221 -1.04 3.98 31.20
N PRO A 222 -1.55 5.05 30.56
CA PRO A 222 -1.05 5.68 29.35
C PRO A 222 0.43 6.07 29.26
N ASP A 223 0.97 6.57 30.35
CA ASP A 223 2.35 7.05 30.35
C ASP A 223 3.49 6.04 30.30
N ARG A 224 3.18 4.76 30.18
CA ARG A 224 4.25 3.76 30.10
C ARG A 224 4.28 3.12 28.71
N PRO A 225 5.48 2.92 28.14
CA PRO A 225 5.63 2.32 26.81
C PRO A 225 5.00 0.94 26.77
N VAL A 226 4.48 0.57 25.60
CA VAL A 226 3.86 -0.74 25.41
C VAL A 226 4.68 -1.51 24.37
N HIS A 227 4.98 -2.76 24.68
CA HIS A 227 5.79 -3.60 23.82
C HIS A 227 4.97 -4.81 23.41
N LEU A 228 4.91 -5.08 22.10
CA LEU A 228 4.16 -6.23 21.63
C LEU A 228 5.15 -7.34 21.36
N PHE A 229 5.31 -8.24 22.32
CA PHE A 229 6.25 -9.35 22.21
C PHE A 229 6.05 -10.21 20.99
N GLY A 230 7.13 -10.42 20.23
CA GLY A 230 7.05 -11.25 19.04
C GLY A 230 6.54 -10.60 17.76
N ALA A 231 6.00 -9.39 17.84
CA ALA A 231 5.53 -8.76 16.60
C ALA A 231 6.79 -8.22 15.92
N GLY A 232 7.42 -9.06 15.12
CA GLY A 232 8.64 -8.68 14.43
C GLY A 232 8.51 -8.65 12.91
N HIS A 233 7.29 -8.67 12.40
CA HIS A 233 7.09 -8.63 10.96
C HIS A 233 6.35 -7.35 10.54
N PRO A 234 6.96 -6.58 9.64
CA PRO A 234 6.47 -5.30 9.09
C PRO A 234 4.97 -5.21 8.82
N ILE A 235 4.38 -6.31 8.40
CA ILE A 235 2.95 -6.34 8.08
C ILE A 235 2.00 -5.83 9.18
N VAL A 236 2.42 -5.84 10.45
CA VAL A 236 1.58 -5.38 11.54
C VAL A 236 1.95 -4.04 12.17
N PHE A 237 3.15 -3.55 11.87
CA PHE A 237 3.62 -2.29 12.42
C PHE A 237 2.60 -1.16 12.40
N ALA A 238 2.09 -0.84 11.22
CA ALA A 238 1.15 0.26 11.10
C ALA A 238 -0.07 0.09 11.99
N LEU A 239 -0.65 -1.11 11.98
CA LEU A 239 -1.85 -1.36 12.78
C LEU A 239 -1.54 -1.27 14.28
N ALA A 240 -0.54 -2.03 14.71
CA ALA A 240 -0.15 -2.04 16.12
C ALA A 240 0.15 -0.64 16.65
N VAL A 241 0.93 0.14 15.89
CA VAL A 241 1.25 1.50 16.33
C VAL A 241 -0.02 2.35 16.46
N ALA A 242 -0.99 2.17 15.56
CA ALA A 242 -2.23 2.93 15.61
C ALA A 242 -3.04 2.58 16.86
N MET A 243 -2.72 1.45 17.48
CA MET A 243 -3.40 1.01 18.70
C MET A 243 -2.68 1.51 19.93
N GLY A 244 -1.46 2.01 19.73
CA GLY A 244 -0.70 2.52 20.85
C GLY A 244 0.49 1.68 21.26
N VAL A 245 0.94 0.78 20.41
CA VAL A 245 2.12 -0.04 20.69
C VAL A 245 3.35 0.83 20.40
N ASP A 246 4.33 0.83 21.29
CA ASP A 246 5.52 1.66 21.08
C ASP A 246 6.77 0.86 20.70
N LEU A 247 6.82 -0.41 21.13
CA LEU A 247 7.97 -1.27 20.89
C LEU A 247 7.66 -2.63 20.28
N PHE A 248 8.59 -3.10 19.46
CA PHE A 248 8.48 -4.38 18.78
C PHE A 248 9.84 -5.06 18.82
N ASP A 249 9.84 -6.39 18.77
CA ASP A 249 11.08 -7.14 18.76
C ASP A 249 10.95 -8.12 17.61
N SER A 250 12.06 -8.41 16.93
CA SER A 250 12.01 -9.31 15.79
C SER A 250 13.12 -10.36 15.73
N ALA A 251 12.73 -11.61 15.55
CA ALA A 251 13.71 -12.68 15.41
C ALA A 251 13.48 -13.24 14.00
N SER A 252 12.29 -12.98 13.46
CA SER A 252 11.96 -13.48 12.14
C SER A 252 12.88 -12.93 11.05
N TYR A 253 13.43 -11.74 11.25
CA TYR A 253 14.29 -11.18 10.22
C TYR A 253 15.42 -12.19 9.94
N ALA A 254 15.92 -12.81 11.01
CA ALA A 254 17.01 -13.80 10.89
C ALA A 254 16.50 -15.20 10.59
N LEU A 255 15.43 -15.61 11.28
CA LEU A 255 14.87 -16.93 11.10
C LEU A 255 14.29 -17.11 9.70
N TYR A 256 13.68 -16.06 9.17
CA TYR A 256 13.14 -16.12 7.82
C TYR A 256 14.29 -16.27 6.84
N ALA A 257 15.35 -15.50 7.07
CA ALA A 257 16.53 -15.52 6.23
C ALA A 257 17.15 -16.92 6.12
N LYS A 258 17.15 -17.66 7.23
CA LYS A 258 17.72 -19.00 7.20
C LYS A 258 16.77 -19.94 6.49
N ASP A 259 15.58 -19.45 6.17
CA ASP A 259 14.57 -20.24 5.51
C ASP A 259 14.34 -19.74 4.09
N ASP A 260 15.26 -18.91 3.63
CA ASP A 260 15.15 -18.32 2.30
C ASP A 260 13.80 -17.63 2.17
N ARG A 261 13.39 -16.96 3.24
CA ARG A 261 12.13 -16.21 3.24
C ARG A 261 12.50 -14.73 3.23
N TYR A 262 11.75 -13.97 2.42
CA TYR A 262 11.98 -12.55 2.18
C TYR A 262 10.77 -11.70 2.60
N MET A 263 10.99 -10.75 3.50
CA MET A 263 9.93 -9.90 4.00
C MET A 263 9.60 -8.72 3.10
N THR A 264 8.34 -8.32 3.19
CA THR A 264 7.77 -7.23 2.44
C THR A 264 6.76 -6.62 3.40
N PRO A 265 6.46 -5.33 3.24
CA PRO A 265 5.49 -4.63 4.09
C PRO A 265 4.12 -5.30 3.99
N GLU A 266 3.91 -6.05 2.91
CA GLU A 266 2.64 -6.71 2.65
C GLU A 266 2.61 -8.19 3.04
N GLY A 267 3.76 -8.75 3.39
CA GLY A 267 3.78 -10.15 3.77
C GLY A 267 5.13 -10.81 3.58
N THR A 268 5.11 -12.11 3.30
CA THR A 268 6.36 -12.84 3.12
C THR A 268 6.36 -13.63 1.83
N LYS A 269 7.55 -13.77 1.26
CA LYS A 269 7.72 -14.48 0.01
C LYS A 269 8.92 -15.42 0.06
N ARG A 270 8.81 -16.53 -0.66
CA ARG A 270 9.89 -17.48 -0.72
C ARG A 270 10.84 -16.99 -1.79
N LEU A 271 12.14 -17.05 -1.49
CA LEU A 271 13.14 -16.61 -2.44
C LEU A 271 12.97 -17.33 -3.77
N ASP A 272 12.56 -18.60 -3.72
CA ASP A 272 12.38 -19.40 -4.94
C ASP A 272 11.11 -19.03 -5.72
N GLU A 273 10.34 -18.06 -5.22
CA GLU A 273 9.15 -17.63 -5.92
C GLU A 273 9.32 -16.17 -6.33
N LEU A 274 10.52 -15.65 -6.15
CA LEU A 274 10.78 -14.26 -6.50
C LEU A 274 11.44 -14.13 -7.88
N ASP A 275 10.83 -13.36 -8.77
CA ASP A 275 11.40 -13.15 -10.08
C ASP A 275 12.06 -11.79 -10.07
N TYR A 276 11.61 -10.95 -9.14
CA TYR A 276 12.15 -9.61 -8.98
C TYR A 276 12.20 -9.24 -7.49
N PHE A 277 13.07 -8.28 -7.16
CA PHE A 277 13.16 -7.81 -5.78
C PHE A 277 12.41 -6.49 -5.75
N PRO A 278 11.20 -6.47 -5.13
CA PRO A 278 10.41 -5.23 -5.05
C PRO A 278 10.93 -4.40 -3.89
N CYS A 279 12.19 -4.00 -4.00
CA CYS A 279 12.85 -3.25 -2.95
C CYS A 279 14.07 -2.56 -3.53
N SER A 280 14.60 -1.57 -2.82
CA SER A 280 15.79 -0.89 -3.31
C SER A 280 16.88 -0.81 -2.25
N CYS A 281 16.75 -1.62 -1.20
CA CYS A 281 17.74 -1.58 -0.11
C CYS A 281 19.14 -1.96 -0.57
N PRO A 282 20.15 -1.70 0.27
CA PRO A 282 21.55 -2.01 -0.07
C PRO A 282 21.71 -3.37 -0.75
N VAL A 283 20.93 -4.34 -0.31
CA VAL A 283 21.00 -5.68 -0.88
C VAL A 283 20.28 -5.81 -2.22
N CYS A 284 19.00 -5.43 -2.23
CA CYS A 284 18.19 -5.52 -3.43
C CYS A 284 18.60 -4.58 -4.56
N SER A 285 19.23 -3.46 -4.20
CA SER A 285 19.65 -2.49 -5.21
C SER A 285 20.77 -3.01 -6.09
N LYS A 286 21.55 -3.95 -5.57
CA LYS A 286 22.66 -4.50 -6.34
C LYS A 286 22.52 -5.96 -6.74
N TYR A 287 21.71 -6.71 -6.02
CA TYR A 287 21.55 -8.12 -6.33
C TYR A 287 20.23 -8.48 -6.98
N THR A 288 20.12 -9.75 -7.31
CA THR A 288 18.95 -10.26 -8.01
C THR A 288 18.46 -11.58 -7.41
N PRO A 289 17.15 -11.87 -7.53
CA PRO A 289 16.60 -13.12 -6.98
C PRO A 289 17.33 -14.34 -7.54
N GLN A 290 17.48 -14.36 -8.86
CA GLN A 290 18.14 -15.46 -9.53
C GLN A 290 19.63 -15.57 -9.20
N GLU A 291 20.22 -14.50 -8.68
CA GLU A 291 21.63 -14.53 -8.26
C GLU A 291 21.67 -15.07 -6.82
N LEU A 292 21.02 -14.35 -5.91
CA LEU A 292 20.95 -14.71 -4.49
C LEU A 292 20.71 -16.21 -4.32
N ARG A 293 19.76 -16.71 -5.10
CA ARG A 293 19.37 -18.11 -5.07
C ARG A 293 20.50 -19.11 -5.30
N GLU A 294 21.54 -18.65 -5.99
CA GLU A 294 22.68 -19.51 -6.31
C GLU A 294 23.89 -19.33 -5.39
N MET A 295 23.80 -18.39 -4.45
CA MET A 295 24.90 -18.11 -3.53
C MET A 295 25.03 -19.12 -2.39
N PRO A 296 26.20 -19.14 -1.71
CA PRO A 296 26.43 -20.06 -0.59
C PRO A 296 25.37 -19.71 0.45
N LYS A 297 24.77 -20.71 1.08
CA LYS A 297 23.72 -20.46 2.07
C LYS A 297 24.10 -19.39 3.09
N GLU A 298 25.30 -19.48 3.64
CA GLU A 298 25.74 -18.51 4.64
C GLU A 298 25.55 -17.10 4.09
N GLU A 299 25.96 -16.88 2.85
CA GLU A 299 25.85 -15.58 2.21
C GLU A 299 24.40 -15.20 1.91
N ARG A 300 23.62 -16.17 1.46
CA ARG A 300 22.23 -15.98 1.13
C ARG A 300 21.45 -15.62 2.40
N THR A 301 21.80 -16.24 3.51
CA THR A 301 21.17 -15.98 4.79
C THR A 301 21.48 -14.55 5.26
N ARG A 302 22.75 -14.18 5.11
CA ARG A 302 23.22 -12.86 5.50
C ARG A 302 22.49 -11.73 4.75
N LEU A 303 22.48 -11.83 3.43
CA LEU A 303 21.85 -10.81 2.61
C LEU A 303 20.35 -10.71 2.83
N LEU A 304 19.71 -11.83 3.13
CA LEU A 304 18.27 -11.83 3.37
C LEU A 304 18.00 -11.18 4.71
N ALA A 305 18.82 -11.51 5.69
CA ALA A 305 18.66 -10.93 7.01
C ALA A 305 18.79 -9.41 6.90
N LEU A 306 19.84 -8.93 6.25
CA LEU A 306 20.03 -7.49 6.10
C LEU A 306 18.82 -6.87 5.41
N HIS A 307 18.40 -7.48 4.31
CA HIS A 307 17.23 -7.01 3.59
C HIS A 307 16.02 -6.90 4.51
N ASN A 308 15.74 -7.99 5.24
CA ASN A 308 14.59 -8.02 6.15
C ASN A 308 14.67 -6.89 7.18
N LEU A 309 15.88 -6.64 7.69
CA LEU A 309 16.10 -5.57 8.65
C LEU A 309 15.82 -4.22 8.00
N TRP A 310 16.25 -4.03 6.75
CA TRP A 310 16.02 -2.76 6.04
C TRP A 310 14.55 -2.48 5.86
N VAL A 311 13.78 -3.49 5.48
CA VAL A 311 12.34 -3.34 5.25
C VAL A 311 11.62 -3.03 6.56
N ILE A 312 12.13 -3.60 7.65
CA ILE A 312 11.55 -3.38 8.97
C ILE A 312 11.83 -1.95 9.41
N LYS A 313 13.06 -1.52 9.18
CA LYS A 313 13.49 -0.18 9.53
C LYS A 313 12.72 0.80 8.66
N GLU A 314 12.60 0.47 7.39
CA GLU A 314 11.88 1.32 6.46
C GLU A 314 10.40 1.49 6.82
N GLU A 315 9.72 0.42 7.23
CA GLU A 315 8.31 0.54 7.62
C GLU A 315 8.18 1.48 8.81
N ILE A 316 9.00 1.25 9.84
CA ILE A 316 8.98 2.10 11.02
C ILE A 316 9.05 3.55 10.59
N LYS A 317 10.08 3.91 9.83
CA LYS A 317 10.21 5.29 9.37
C LYS A 317 8.92 5.74 8.65
N ARG A 318 8.36 4.88 7.82
CA ARG A 318 7.14 5.18 7.08
C ARG A 318 6.02 5.51 8.05
N VAL A 319 5.91 4.69 9.10
CA VAL A 319 4.88 4.88 10.13
C VAL A 319 5.06 6.20 10.87
N LYS A 320 6.29 6.49 11.26
CA LYS A 320 6.57 7.73 11.97
C LYS A 320 6.31 8.93 11.09
N GLN A 321 6.67 8.84 9.82
CA GLN A 321 6.44 9.95 8.90
C GLN A 321 4.94 10.19 8.71
N ALA A 322 4.15 9.11 8.74
CA ALA A 322 2.72 9.24 8.56
C ALA A 322 2.10 9.87 9.79
N ILE A 323 2.61 9.52 10.97
CA ILE A 323 2.10 10.09 12.22
C ILE A 323 2.39 11.58 12.19
N LYS A 324 3.62 11.91 11.79
CA LYS A 324 4.06 13.28 11.71
C LYS A 324 3.10 14.10 10.85
N GLU A 325 2.63 13.53 9.74
CA GLU A 325 1.73 14.28 8.86
C GLU A 325 0.25 14.00 9.06
N GLY A 326 -0.08 13.27 10.12
CA GLY A 326 -1.47 12.95 10.42
C GLY A 326 -2.12 12.06 9.37
N GLU A 327 -1.38 11.07 8.89
CA GLU A 327 -1.89 10.17 7.87
C GLU A 327 -1.81 8.70 8.24
N LEU A 328 -1.57 8.41 9.51
CA LEU A 328 -1.45 7.02 9.95
C LEU A 328 -2.61 6.12 9.52
N TRP A 329 -3.85 6.56 9.75
CA TRP A 329 -5.01 5.75 9.37
C TRP A 329 -4.99 5.40 7.90
N ARG A 330 -4.55 6.34 7.08
CA ARG A 330 -4.46 6.10 5.64
C ARG A 330 -3.46 4.96 5.41
N LEU A 331 -2.31 5.05 6.05
CA LEU A 331 -1.31 4.01 5.91
C LEU A 331 -1.87 2.69 6.41
N VAL A 332 -2.56 2.72 7.55
CA VAL A 332 -3.12 1.49 8.09
C VAL A 332 -4.10 0.91 7.08
N ASP A 333 -4.90 1.78 6.47
CA ASP A 333 -5.88 1.35 5.48
C ASP A 333 -5.18 0.66 4.30
N GLU A 334 -4.04 1.21 3.92
CA GLU A 334 -3.27 0.66 2.80
C GLU A 334 -2.73 -0.71 3.19
N ARG A 335 -2.15 -0.83 4.38
CA ARG A 335 -1.60 -2.11 4.79
C ARG A 335 -2.67 -3.16 5.06
N ALA A 336 -3.88 -2.73 5.37
CA ALA A 336 -4.97 -3.67 5.65
C ALA A 336 -5.28 -4.55 4.44
N ARG A 337 -4.97 -4.04 3.26
CA ARG A 337 -5.21 -4.78 2.03
C ARG A 337 -4.15 -5.85 1.76
N SER A 338 -3.23 -6.05 2.70
CA SER A 338 -2.18 -7.04 2.50
C SER A 338 -2.68 -8.47 2.60
N HIS A 339 -3.60 -8.71 3.53
CA HIS A 339 -4.10 -10.06 3.75
C HIS A 339 -5.52 -10.02 4.32
N PRO A 340 -6.36 -11.00 3.97
CA PRO A 340 -7.74 -11.03 4.47
C PRO A 340 -7.84 -10.91 5.98
N LYS A 341 -6.98 -11.62 6.71
CA LYS A 341 -7.00 -11.55 8.16
C LYS A 341 -6.59 -10.17 8.68
N LEU A 342 -5.61 -9.55 8.05
CA LEU A 342 -5.20 -8.23 8.49
C LEU A 342 -6.36 -7.26 8.22
N TYR A 343 -7.10 -7.50 7.15
CA TYR A 343 -8.23 -6.65 6.80
C TYR A 343 -9.33 -6.81 7.83
N SER A 344 -9.48 -8.04 8.32
CA SER A 344 -10.47 -8.36 9.33
C SER A 344 -10.12 -7.60 10.59
N ALA A 345 -8.86 -7.73 11.01
CA ALA A 345 -8.37 -7.05 12.18
C ALA A 345 -8.55 -5.55 12.10
N TYR A 346 -8.33 -4.99 10.91
CA TYR A 346 -8.46 -3.54 10.73
C TYR A 346 -9.86 -3.02 10.99
N LYS A 347 -10.86 -3.74 10.49
CA LYS A 347 -12.26 -3.35 10.68
C LYS A 347 -12.61 -3.42 12.16
N ARG A 348 -12.13 -4.50 12.80
CA ARG A 348 -12.36 -4.72 14.21
C ARG A 348 -11.81 -3.54 15.01
N LEU A 349 -10.56 -3.18 14.74
CA LEU A 349 -9.95 -2.06 15.47
C LEU A 349 -10.83 -0.81 15.44
N LEU A 350 -11.43 -0.53 14.28
CA LEU A 350 -12.28 0.64 14.13
C LEU A 350 -13.57 0.61 14.95
N GLU A 351 -13.97 -0.57 15.41
CA GLU A 351 -15.19 -0.69 16.21
C GLU A 351 -14.94 -0.06 17.58
N HIS A 352 -13.67 -0.05 17.99
CA HIS A 352 -13.25 0.50 19.27
C HIS A 352 -13.16 2.02 19.24
N TYR A 353 -14.21 2.65 18.73
CA TYR A 353 -14.27 4.10 18.64
C TYR A 353 -14.02 4.84 19.95
N THR A 354 -14.62 4.34 21.02
CA THR A 354 -14.48 5.00 22.32
C THR A 354 -13.05 5.04 22.82
N PHE A 355 -12.33 3.94 22.65
CA PHE A 355 -10.94 3.89 23.05
C PHE A 355 -10.15 4.85 22.17
N LEU A 356 -10.32 4.71 20.85
CA LEU A 356 -9.59 5.55 19.90
C LEU A 356 -9.89 7.02 20.01
N GLU A 357 -11.16 7.37 20.20
CA GLU A 357 -11.57 8.77 20.27
C GLU A 357 -10.89 9.63 21.34
N GLU A 358 -10.55 9.05 22.49
CA GLU A 358 -9.89 9.84 23.53
C GLU A 358 -8.54 10.43 23.13
N PHE A 359 -7.85 9.74 22.22
CA PHE A 359 -6.52 10.16 21.82
C PHE A 359 -6.43 10.82 20.47
N GLU A 360 -7.43 10.58 19.62
CA GLU A 360 -7.44 11.15 18.28
C GLU A 360 -7.31 12.68 18.34
N PRO A 361 -6.24 13.22 17.75
CA PRO A 361 -6.01 14.66 17.73
C PRO A 361 -7.26 15.41 17.24
N ILE A 362 -7.40 16.64 17.67
CA ILE A 362 -8.54 17.46 17.30
C ILE A 362 -8.33 17.99 15.87
N THR A 363 -7.08 18.24 15.52
CA THR A 363 -6.74 18.76 14.20
C THR A 363 -5.43 18.13 13.71
N LYS A 364 -5.39 17.79 12.43
CA LYS A 364 -4.20 17.16 11.84
C LYS A 364 -3.64 18.00 10.69
N LYS A 365 -2.40 17.70 10.30
CA LYS A 365 -1.74 18.39 9.22
C LYS A 365 -2.42 18.05 7.89
N SER A 366 -2.60 16.76 7.61
CA SER A 366 -3.22 16.32 6.38
C SER A 366 -4.73 16.48 6.34
N ALA A 367 -5.29 16.47 5.14
CA ALA A 367 -6.73 16.59 4.97
C ALA A 367 -7.33 15.20 5.11
N LEU A 368 -8.61 15.12 5.48
CA LEU A 368 -9.28 13.83 5.63
C LEU A 368 -9.47 13.22 4.26
N PHE A 369 -8.87 12.04 4.04
CA PHE A 369 -9.00 11.36 2.75
C PHE A 369 -10.02 10.23 2.79
N LYS A 370 -11.01 10.30 1.89
CA LYS A 370 -12.00 9.24 1.81
C LYS A 370 -11.41 8.24 0.79
N ILE A 371 -10.66 7.24 1.28
CA ILE A 371 -10.07 6.25 0.38
C ILE A 371 -10.67 4.85 0.49
N SER A 372 -11.73 4.72 1.28
CA SER A 372 -12.37 3.42 1.42
C SER A 372 -13.64 3.55 2.24
N ASN A 373 -14.35 2.45 2.38
CA ASN A 373 -15.57 2.43 3.17
C ASN A 373 -15.18 2.59 4.63
N GLU A 374 -14.05 1.98 4.99
CA GLU A 374 -13.54 2.05 6.35
C GLU A 374 -13.24 3.47 6.82
N SER A 375 -12.68 4.30 5.95
CA SER A 375 -12.33 5.66 6.33
C SER A 375 -13.52 6.48 6.84
N LEU A 376 -14.73 6.06 6.45
CA LEU A 376 -15.93 6.75 6.91
C LEU A 376 -16.17 6.37 8.37
N ARG A 377 -15.45 5.37 8.84
CA ARG A 377 -15.59 4.94 10.23
C ARG A 377 -14.40 5.33 11.09
N TRP A 378 -13.46 6.09 10.51
CA TRP A 378 -12.31 6.53 11.28
C TRP A 378 -12.81 7.40 12.44
N PRO A 379 -12.08 7.39 13.56
CA PRO A 379 -12.44 8.16 14.75
C PRO A 379 -12.84 9.61 14.50
N VAL A 380 -12.02 10.32 13.72
CA VAL A 380 -12.29 11.73 13.43
C VAL A 380 -13.60 11.95 12.66
N VAL A 381 -13.98 10.98 11.84
CA VAL A 381 -15.22 11.11 11.07
C VAL A 381 -16.42 10.97 11.99
N ARG A 382 -16.40 9.94 12.83
CA ARG A 382 -17.50 9.70 13.76
C ARG A 382 -17.66 10.83 14.78
N ARG A 383 -16.55 11.48 15.13
CA ARG A 383 -16.56 12.57 16.11
C ARG A 383 -17.14 13.85 15.54
N ALA A 384 -16.72 14.19 14.32
CA ALA A 384 -17.18 15.41 13.66
C ALA A 384 -18.68 15.28 13.34
N LYS A 385 -19.11 14.06 13.08
CA LYS A 385 -20.52 13.79 12.78
C LYS A 385 -21.36 14.22 13.97
N GLU A 386 -21.10 13.60 15.12
CA GLU A 386 -21.84 13.88 16.34
C GLU A 386 -21.76 15.32 16.83
N ARG A 387 -20.57 15.94 16.71
CA ARG A 387 -20.40 17.32 17.15
C ARG A 387 -21.11 18.33 16.26
N ALA A 388 -21.40 17.94 15.03
CA ALA A 388 -22.06 18.83 14.10
C ALA A 388 -23.58 18.74 14.19
N LYS A 389 -24.09 17.59 14.63
CA LYS A 389 -25.54 17.41 14.73
C LYS A 389 -26.28 18.56 15.39
N SER A 390 -25.83 19.00 16.55
CA SER A 390 -26.50 20.11 17.23
C SER A 390 -26.22 21.47 16.55
N ILE A 391 -25.05 21.59 15.93
CA ILE A 391 -24.68 22.84 15.27
C ILE A 391 -25.49 23.03 13.99
N ASN A 392 -25.99 21.93 13.43
CA ASN A 392 -26.79 22.00 12.22
C ASN A 392 -28.23 22.40 12.51
N GLU A 393 -28.83 21.76 13.51
CA GLU A 393 -30.20 22.05 13.89
C GLU A 393 -30.31 23.42 14.55
N ARG A 394 -29.19 24.12 14.63
CA ARG A 394 -29.18 25.42 15.28
C ARG A 394 -28.91 26.55 14.29
N PHE A 395 -27.93 26.35 13.42
CA PHE A 395 -27.58 27.37 12.43
C PHE A 395 -28.19 27.08 11.07
N GLY A 396 -28.60 25.84 10.86
CA GLY A 396 -29.19 25.49 9.58
C GLY A 396 -28.34 25.92 8.40
N GLU A 397 -28.98 26.12 7.25
CA GLU A 397 -28.28 26.51 6.04
C GLU A 397 -27.27 25.43 5.66
N LEU A 398 -27.75 24.20 5.60
CA LEU A 398 -26.91 23.05 5.26
C LEU A 398 -26.49 23.04 3.79
N VAL A 399 -25.41 22.33 3.52
CA VAL A 399 -24.90 22.20 2.15
C VAL A 399 -24.52 20.74 2.01
N GLU A 400 -24.34 20.27 0.79
CA GLU A 400 -23.98 18.88 0.56
C GLU A 400 -22.51 18.63 0.85
N HIS A 401 -22.21 17.46 1.41
CA HIS A 401 -20.83 17.10 1.68
C HIS A 401 -20.62 15.64 1.28
N PRO A 402 -19.61 15.38 0.45
CA PRO A 402 -19.25 14.05 -0.04
C PRO A 402 -19.15 13.00 1.05
N ILE A 403 -18.55 13.39 2.16
CA ILE A 403 -18.32 12.49 3.29
C ILE A 403 -19.33 12.55 4.42
N PHE A 404 -19.60 13.76 4.92
CA PHE A 404 -20.52 13.89 6.03
C PHE A 404 -21.97 14.10 5.61
N GLY A 405 -22.24 13.89 4.32
CA GLY A 405 -23.59 14.05 3.81
C GLY A 405 -23.94 15.51 3.60
N ARG A 406 -24.22 16.20 4.69
CA ARG A 406 -24.57 17.60 4.63
C ARG A 406 -24.21 18.24 5.96
N VAL A 407 -23.67 19.45 5.90
CA VAL A 407 -23.28 20.16 7.11
C VAL A 407 -23.55 21.64 6.96
N SER A 408 -23.86 22.30 8.07
CA SER A 408 -24.14 23.73 8.03
C SER A 408 -23.01 24.48 7.32
N ARG A 409 -23.37 25.49 6.55
CA ARG A 409 -22.39 26.28 5.80
C ARG A 409 -21.43 26.98 6.75
N TYR A 410 -21.78 26.99 8.02
CA TYR A 410 -20.96 27.67 9.01
C TYR A 410 -19.74 26.88 9.50
N LEU A 411 -19.74 25.58 9.22
CA LEU A 411 -18.62 24.71 9.61
C LEU A 411 -17.83 24.32 8.35
N SER A 412 -18.30 24.73 7.18
CA SER A 412 -17.69 24.39 5.91
C SER A 412 -16.22 24.81 5.74
N LEU A 413 -15.76 25.72 6.58
CA LEU A 413 -14.38 26.17 6.51
C LEU A 413 -13.55 25.49 7.59
N THR A 414 -14.18 24.61 8.36
CA THR A 414 -13.52 23.96 9.47
C THR A 414 -13.23 22.46 9.33
N TYR A 415 -12.05 22.06 9.81
CA TYR A 415 -11.62 20.66 9.79
C TYR A 415 -12.64 19.77 10.52
N PRO A 416 -12.92 18.57 9.99
CA PRO A 416 -12.36 18.00 8.76
C PRO A 416 -13.30 18.20 7.57
N PHE A 417 -14.36 18.99 7.74
CA PHE A 417 -15.31 19.22 6.66
C PHE A 417 -14.64 19.87 5.45
N ALA A 418 -13.95 20.97 5.68
CA ALA A 418 -13.27 21.65 4.59
C ALA A 418 -12.00 20.89 4.20
N GLN A 419 -11.21 20.57 5.22
CA GLN A 419 -9.94 19.86 5.06
C GLN A 419 -10.05 18.37 4.73
N SER A 420 -10.89 18.05 3.75
CA SER A 420 -11.07 16.64 3.35
C SER A 420 -11.25 16.55 1.85
N GLU A 421 -11.22 15.32 1.34
CA GLU A 421 -11.38 15.07 -0.07
C GLU A 421 -11.90 13.67 -0.30
N ALA A 422 -12.78 13.54 -1.30
CA ALA A 422 -13.36 12.23 -1.63
C ALA A 422 -13.28 12.04 -3.14
N GLU A 423 -14.22 11.28 -3.69
CA GLU A 423 -14.26 11.04 -5.13
C GLU A 423 -14.59 12.36 -5.79
N ASP A 424 -15.55 13.08 -5.20
CA ASP A 424 -15.97 14.38 -5.72
C ASP A 424 -15.50 15.48 -4.78
N ASP A 425 -15.36 16.69 -5.30
CA ASP A 425 -14.87 17.82 -4.50
C ASP A 425 -15.94 18.62 -3.75
N PHE A 426 -15.58 19.08 -2.55
CA PHE A 426 -16.47 19.86 -1.69
C PHE A 426 -16.22 21.36 -1.86
N LYS A 427 -17.26 22.08 -2.27
CA LYS A 427 -17.16 23.52 -2.48
C LYS A 427 -17.46 24.26 -1.17
N ILE A 428 -16.43 24.79 -0.53
CA ILE A 428 -16.62 25.51 0.71
C ILE A 428 -17.33 26.83 0.43
N GLU A 429 -18.28 27.21 1.28
CA GLU A 429 -19.01 28.46 1.10
C GLU A 429 -18.44 29.53 2.02
N LYS A 430 -17.78 30.53 1.45
CA LYS A 430 -17.20 31.61 2.23
C LYS A 430 -18.29 32.47 2.86
N PRO A 431 -17.96 33.20 3.94
CA PRO A 431 -18.91 34.07 4.63
C PRO A 431 -19.21 35.37 3.88
N THR A 432 -20.09 36.18 4.46
CA THR A 432 -20.45 37.47 3.91
C THR A 432 -20.10 38.44 5.03
N LYS A 433 -20.27 39.73 4.81
CA LYS A 433 -19.96 40.70 5.86
C LYS A 433 -20.96 40.57 7.01
N GLU A 434 -22.16 40.10 6.70
CA GLU A 434 -23.21 39.93 7.69
C GLU A 434 -23.22 38.50 8.20
N ASP A 435 -22.45 37.65 7.54
CA ASP A 435 -22.38 36.22 7.88
C ASP A 435 -21.27 35.85 8.87
N ALA A 436 -20.07 36.35 8.59
CA ALA A 436 -18.87 36.10 9.39
C ALA A 436 -19.07 35.61 10.82
N ILE A 437 -19.54 36.50 11.69
CA ILE A 437 -19.74 36.16 13.09
C ILE A 437 -20.51 34.84 13.28
N LYS A 438 -21.46 34.56 12.39
CA LYS A 438 -22.24 33.34 12.48
C LYS A 438 -21.31 32.12 12.37
N TYR A 439 -20.24 32.28 11.59
CA TYR A 439 -19.25 31.22 11.41
C TYR A 439 -18.46 31.04 12.71
N VAL A 440 -17.87 32.12 13.20
CA VAL A 440 -17.09 32.12 14.42
C VAL A 440 -17.89 31.46 15.54
N MET A 441 -19.17 31.79 15.62
CA MET A 441 -20.03 31.23 16.65
C MET A 441 -20.22 29.73 16.47
N ALA A 442 -20.45 29.33 15.23
CA ALA A 442 -20.65 27.92 14.90
C ALA A 442 -19.40 27.11 15.25
N ILE A 443 -18.23 27.64 14.88
CA ILE A 443 -16.96 26.98 15.17
C ILE A 443 -16.77 26.80 16.66
N ALA A 444 -17.01 27.89 17.41
CA ALA A 444 -16.86 27.87 18.86
C ALA A 444 -17.74 26.77 19.47
N GLU A 445 -19.02 26.83 19.14
CA GLU A 445 -19.95 25.85 19.66
C GLU A 445 -19.45 24.44 19.31
N TYR A 446 -18.76 24.35 18.19
CA TYR A 446 -18.22 23.08 17.69
C TYR A 446 -16.87 22.69 18.31
N GLN A 447 -15.98 23.65 18.46
CA GLN A 447 -14.65 23.41 19.00
C GLN A 447 -14.59 23.37 20.53
N PHE A 448 -15.36 24.27 21.14
CA PHE A 448 -15.38 24.39 22.58
C PHE A 448 -16.59 23.73 23.26
N GLY A 449 -17.60 23.38 22.48
CA GLY A 449 -18.77 22.74 23.07
C GLY A 449 -19.93 23.70 23.29
N GLU A 450 -21.06 23.13 23.70
CA GLU A 450 -22.29 23.88 23.93
C GLU A 450 -22.13 25.15 24.78
N GLY A 451 -22.57 26.28 24.23
CA GLY A 451 -22.51 27.54 24.93
C GLY A 451 -21.35 28.45 24.56
N ALA A 452 -20.32 27.87 23.95
CA ALA A 452 -19.12 28.63 23.60
C ALA A 452 -19.37 29.88 22.79
N SER A 453 -20.36 29.85 21.90
CA SER A 453 -20.64 31.04 21.08
C SER A 453 -20.89 32.29 21.90
N ARG A 454 -21.48 32.12 23.09
CA ARG A 454 -21.77 33.26 23.95
C ARG A 454 -20.57 34.09 24.32
N ALA A 455 -19.39 33.62 23.93
CA ALA A 455 -18.17 34.37 24.22
C ALA A 455 -17.82 35.20 23.00
N PHE A 456 -18.49 34.95 21.88
CA PHE A 456 -18.20 35.67 20.65
C PHE A 456 -19.35 36.46 19.99
N ASP A 457 -20.59 36.23 20.41
CA ASP A 457 -21.77 36.92 19.84
C ASP A 457 -21.57 38.35 19.38
N ASP A 458 -21.15 39.19 20.32
CA ASP A 458 -20.96 40.62 20.10
C ASP A 458 -19.67 41.01 19.41
N ALA A 459 -18.96 40.04 18.85
CA ALA A 459 -17.68 40.29 18.19
C ALA A 459 -17.80 40.69 16.72
N LYS A 460 -16.71 41.24 16.20
CA LYS A 460 -16.62 41.67 14.81
C LYS A 460 -15.57 40.80 14.12
N VAL A 461 -15.96 40.08 13.09
CA VAL A 461 -15.02 39.23 12.37
C VAL A 461 -14.41 39.94 11.18
N GLU A 462 -13.08 39.96 11.10
CA GLU A 462 -12.41 40.60 9.97
C GLU A 462 -12.24 39.60 8.84
N LEU A 463 -12.23 40.09 7.61
CA LEU A 463 -12.07 39.23 6.44
C LEU A 463 -10.76 39.57 5.74
N SER A 464 -10.11 38.56 5.16
CA SER A 464 -8.84 38.75 4.48
C SER A 464 -9.03 39.22 3.04
N LYS A 465 -7.93 39.31 2.30
CA LYS A 465 -7.98 39.73 0.89
C LYS A 465 -8.97 38.82 0.18
N THR A 466 -9.18 37.64 0.75
CA THR A 466 -10.14 36.68 0.22
C THR A 466 -11.28 36.75 1.23
N GLY A 467 -12.45 36.26 0.88
CA GLY A 467 -13.55 36.35 1.83
C GLY A 467 -13.43 35.42 3.02
N MET A 468 -12.20 35.20 3.50
CA MET A 468 -11.97 34.29 4.62
C MET A 468 -11.94 34.94 6.01
N PRO A 469 -12.64 34.31 6.98
CA PRO A 469 -12.71 34.80 8.36
C PRO A 469 -11.33 34.70 8.99
N ARG A 470 -10.93 35.72 9.72
CA ARG A 470 -9.62 35.71 10.35
C ARG A 470 -9.64 36.25 11.78
N GLN A 471 -9.22 37.50 11.94
CA GLN A 471 -9.18 38.14 13.25
C GLN A 471 -10.56 38.39 13.84
N VAL A 472 -10.76 37.95 15.08
CA VAL A 472 -12.04 38.15 15.77
C VAL A 472 -11.80 39.15 16.90
N LYS A 473 -12.47 40.30 16.82
CA LYS A 473 -12.31 41.34 17.82
C LYS A 473 -13.64 41.80 18.44
N VAL A 474 -13.51 42.54 19.52
CA VAL A 474 -14.65 43.10 20.22
C VAL A 474 -14.10 44.23 21.09
N ASN A 475 -14.75 45.39 21.02
CA ASN A 475 -14.35 46.60 21.75
C ASN A 475 -12.86 46.67 22.11
N GLY A 476 -12.01 46.31 21.16
CA GLY A 476 -10.59 46.34 21.41
C GLY A 476 -9.93 45.01 21.11
N LYS A 477 -8.83 44.74 21.80
CA LYS A 477 -8.03 43.50 21.63
C LYS A 477 -8.69 42.29 20.95
N ARG A 478 -7.83 41.49 20.31
CA ARG A 478 -8.23 40.28 19.60
C ARG A 478 -8.68 39.21 20.57
N LEU A 479 -9.87 38.68 20.32
CA LEU A 479 -10.41 37.61 21.15
C LEU A 479 -9.79 36.30 20.68
N ALA A 480 -9.69 36.15 19.37
CA ALA A 480 -9.12 34.94 18.76
C ALA A 480 -8.96 35.11 17.26
N THR A 481 -8.53 34.04 16.60
CA THR A 481 -8.33 34.05 15.15
C THR A 481 -8.71 32.70 14.56
N VAL A 482 -9.36 32.72 13.41
CA VAL A 482 -9.72 31.48 12.74
C VAL A 482 -8.46 31.11 11.96
N ARG A 483 -7.97 29.87 12.12
CA ARG A 483 -6.77 29.46 11.41
C ARG A 483 -7.06 29.16 9.97
N ALA A 484 -6.13 29.54 9.10
CA ALA A 484 -6.29 29.30 7.67
C ALA A 484 -6.12 27.82 7.38
N ASP A 485 -5.22 27.19 8.12
CA ASP A 485 -4.92 25.77 7.93
C ASP A 485 -6.04 24.81 8.27
N ASP A 486 -6.79 25.06 9.33
CA ASP A 486 -7.86 24.13 9.70
C ASP A 486 -9.23 24.75 10.00
N GLY A 487 -9.34 26.07 9.90
CA GLY A 487 -10.62 26.70 10.19
C GLY A 487 -11.07 26.57 11.64
N LEU A 488 -10.11 26.40 12.53
CA LEU A 488 -10.40 26.29 13.95
C LEU A 488 -9.89 27.57 14.63
N LEU A 489 -10.48 27.91 15.77
CA LEU A 489 -10.12 29.13 16.47
C LEU A 489 -8.88 29.03 17.34
N THR A 490 -8.03 30.06 17.24
CA THR A 490 -6.83 30.16 18.05
C THR A 490 -7.14 31.29 19.03
N LEU A 491 -7.16 30.93 20.30
CA LEU A 491 -7.49 31.85 21.39
C LEU A 491 -6.39 32.81 21.80
N GLY A 492 -6.79 34.06 21.97
CA GLY A 492 -5.87 35.09 22.44
C GLY A 492 -6.25 35.20 23.90
N ILE A 493 -5.43 35.87 24.71
CA ILE A 493 -5.77 35.96 26.13
C ILE A 493 -7.19 36.49 26.39
N GLU A 494 -7.61 37.48 25.62
CA GLU A 494 -8.95 38.07 25.79
C GLU A 494 -10.06 37.05 25.51
N GLY A 495 -9.95 36.30 24.42
CA GLY A 495 -10.96 35.32 24.11
C GLY A 495 -10.98 34.21 25.15
N ALA A 496 -9.81 33.93 25.74
CA ALA A 496 -9.72 32.89 26.76
C ALA A 496 -10.48 33.33 28.00
N LYS A 497 -10.33 34.60 28.38
CA LYS A 497 -11.02 35.12 29.55
C LYS A 497 -12.53 34.95 29.39
N ARG A 498 -13.03 35.28 28.19
CA ARG A 498 -14.45 35.16 27.92
C ARG A 498 -14.93 33.73 28.06
N LEU A 499 -14.24 32.80 27.38
CA LEU A 499 -14.63 31.40 27.47
C LEU A 499 -14.68 30.96 28.93
N HIS A 500 -13.67 31.38 29.68
CA HIS A 500 -13.53 31.03 31.10
C HIS A 500 -14.73 31.42 31.95
N ARG A 501 -15.30 32.60 31.71
CA ARG A 501 -16.45 33.03 32.48
C ARG A 501 -17.75 32.51 31.89
N VAL A 502 -17.73 32.22 30.60
CA VAL A 502 -18.93 31.71 29.93
C VAL A 502 -19.11 30.21 30.11
N LEU A 503 -18.00 29.48 30.21
CA LEU A 503 -18.08 28.03 30.39
C LEU A 503 -17.76 27.66 31.83
N PRO A 504 -18.61 26.84 32.46
CA PRO A 504 -18.38 26.44 33.85
C PRO A 504 -17.19 25.50 34.02
N TYR A 505 -16.53 25.59 35.17
CA TYR A 505 -15.41 24.73 35.51
C TYR A 505 -15.98 23.31 35.44
N PRO A 506 -15.18 22.33 34.99
CA PRO A 506 -13.79 22.38 34.54
C PRO A 506 -13.58 22.46 33.02
N ARG A 507 -14.64 22.76 32.27
CA ARG A 507 -14.55 22.81 30.80
C ARG A 507 -13.33 23.57 30.27
N MET A 508 -12.53 22.88 29.45
CA MET A 508 -11.32 23.46 28.85
C MET A 508 -10.21 23.77 29.85
N ARG A 509 -10.35 23.33 31.10
CA ARG A 509 -9.32 23.64 32.10
C ARG A 509 -8.20 22.64 32.29
N VAL A 510 -7.03 23.19 32.63
CA VAL A 510 -5.83 22.42 32.94
C VAL A 510 -5.36 23.05 34.25
N VAL A 511 -5.63 22.39 35.37
CA VAL A 511 -5.25 22.94 36.66
C VAL A 511 -3.78 22.65 37.00
N VAL A 512 -3.01 23.70 37.27
CA VAL A 512 -1.61 23.49 37.57
C VAL A 512 -1.13 23.70 39.02
N ASN A 513 0.07 23.18 39.26
CA ASN A 513 0.78 23.24 40.54
C ASN A 513 0.86 24.69 41.01
N LYS A 514 0.98 24.87 42.31
CA LYS A 514 1.14 26.20 42.88
C LYS A 514 2.50 26.66 42.37
N GLU A 515 3.42 25.70 42.30
CA GLU A 515 4.77 25.93 41.82
C GLU A 515 4.82 26.31 40.35
N ALA A 516 3.88 25.77 39.58
CA ALA A 516 3.82 26.01 38.15
C ALA A 516 3.12 27.32 37.79
N GLU A 517 2.33 27.83 38.73
CA GLU A 517 1.57 29.06 38.53
C GLU A 517 2.35 30.24 37.93
N PRO A 518 3.46 30.64 38.57
CA PRO A 518 4.28 31.76 38.09
C PRO A 518 4.71 31.62 36.62
N PHE A 519 5.15 30.42 36.24
CA PHE A 519 5.60 30.15 34.88
C PHE A 519 4.51 30.32 33.84
N ALA A 520 3.33 29.77 34.13
CA ALA A 520 2.23 29.86 33.20
C ALA A 520 1.83 31.31 33.03
N ARG A 521 1.84 32.06 34.11
CA ARG A 521 1.48 33.47 34.03
C ARG A 521 2.43 34.21 33.09
N LYS A 522 3.71 33.83 33.13
CA LYS A 522 4.73 34.45 32.28
C LYS A 522 4.66 33.94 30.85
N GLY A 523 3.83 32.92 30.62
CA GLY A 523 3.69 32.38 29.28
C GLY A 523 4.53 31.16 28.96
N LYS A 524 5.26 30.66 29.95
CA LYS A 524 6.09 29.48 29.73
C LYS A 524 5.17 28.30 29.43
N ASP A 525 5.72 27.22 28.91
CA ASP A 525 4.88 26.06 28.62
C ASP A 525 4.54 25.29 29.90
N VAL A 526 3.42 24.57 29.87
CA VAL A 526 2.98 23.79 31.01
C VAL A 526 3.46 22.34 30.89
N PHE A 527 4.09 21.85 31.93
CA PHE A 527 4.59 20.49 31.91
C PHE A 527 3.72 19.53 32.70
N ALA A 528 3.47 18.38 32.10
CA ALA A 528 2.63 17.34 32.67
C ALA A 528 2.82 17.12 34.18
N LYS A 529 4.05 16.98 34.65
CA LYS A 529 4.25 16.72 36.07
C LYS A 529 3.61 17.77 36.98
N PHE A 530 3.28 18.94 36.44
CA PHE A 530 2.65 19.99 37.24
C PHE A 530 1.14 20.06 37.11
N VAL A 531 0.56 19.26 36.23
CA VAL A 531 -0.88 19.27 36.05
C VAL A 531 -1.54 18.41 37.13
N ILE A 532 -2.28 19.04 38.03
CA ILE A 532 -2.93 18.28 39.08
C ILE A 532 -4.29 17.74 38.66
N PHE A 533 -4.91 18.39 37.69
CA PHE A 533 -6.21 17.97 37.20
C PHE A 533 -6.58 18.71 35.92
N ALA A 534 -7.41 18.07 35.11
CA ALA A 534 -7.84 18.70 33.85
C ALA A 534 -9.10 18.09 33.30
N ASP A 535 -9.84 18.91 32.57
CA ASP A 535 -11.07 18.51 31.91
C ASP A 535 -10.84 17.20 31.16
N PRO A 536 -11.66 16.17 31.43
CA PRO A 536 -11.55 14.86 30.78
C PRO A 536 -11.94 14.91 29.30
N GLY A 537 -12.54 16.03 28.89
CA GLY A 537 -12.97 16.16 27.51
C GLY A 537 -11.90 16.71 26.60
N ILE A 538 -10.83 17.25 27.19
CA ILE A 538 -9.74 17.79 26.39
C ILE A 538 -9.13 16.69 25.51
N ARG A 539 -8.93 17.05 24.25
CA ARG A 539 -8.34 16.14 23.29
C ARG A 539 -7.05 16.81 22.81
N PRO A 540 -6.08 16.00 22.35
CA PRO A 540 -4.80 16.54 21.88
C PRO A 540 -5.01 17.66 20.87
N TYR A 541 -4.36 18.79 21.12
CA TYR A 541 -4.41 19.96 20.27
C TYR A 541 -5.62 20.88 20.43
N ASP A 542 -6.44 20.66 21.46
CA ASP A 542 -7.58 21.53 21.76
C ASP A 542 -6.99 22.82 22.29
N GLU A 543 -7.75 23.92 22.22
CA GLU A 543 -7.29 25.17 22.81
C GLU A 543 -7.53 24.88 24.29
N VAL A 544 -6.74 25.47 25.17
CA VAL A 544 -6.90 25.14 26.58
C VAL A 544 -6.76 26.34 27.52
N LEU A 545 -7.42 26.25 28.67
CA LEU A 545 -7.37 27.31 29.68
C LEU A 545 -6.53 26.85 30.86
N VAL A 546 -5.33 27.42 30.98
CA VAL A 546 -4.41 27.11 32.07
C VAL A 546 -4.92 27.82 33.31
N VAL A 547 -5.12 27.07 34.37
CA VAL A 547 -5.70 27.66 35.58
C VAL A 547 -5.12 27.11 36.90
N ASN A 548 -5.27 27.88 37.99
CA ASN A 548 -4.82 27.43 39.31
C ASN A 548 -5.98 26.71 39.98
N GLU A 549 -5.79 26.25 41.22
CA GLU A 549 -6.88 25.54 41.88
C GLU A 549 -8.10 26.41 42.15
N ASN A 550 -7.87 27.72 42.26
CA ASN A 550 -8.94 28.66 42.50
C ASN A 550 -9.61 29.01 41.18
N ASP A 551 -9.26 28.25 40.14
CA ASP A 551 -9.79 28.45 38.80
C ASP A 551 -9.54 29.87 38.28
N GLU A 552 -8.40 30.46 38.62
CA GLU A 552 -8.09 31.79 38.12
C GLU A 552 -7.28 31.56 36.85
N LEU A 553 -7.67 32.25 35.77
CA LEU A 553 -7.00 32.10 34.48
C LEU A 553 -5.54 32.54 34.58
N LEU A 554 -4.64 31.63 34.22
CA LEU A 554 -3.21 31.91 34.24
C LEU A 554 -2.71 32.13 32.80
N ALA A 555 -3.22 31.34 31.87
CA ALA A 555 -2.80 31.44 30.47
C ALA A 555 -3.68 30.61 29.56
N THR A 556 -3.45 30.77 28.25
CA THR A 556 -4.17 30.03 27.23
C THR A 556 -3.14 29.37 26.32
N GLY A 557 -3.43 28.15 25.87
CA GLY A 557 -2.48 27.46 25.02
C GLY A 557 -3.13 26.29 24.33
N GLN A 558 -2.29 25.37 23.83
CA GLN A 558 -2.78 24.20 23.11
C GLN A 558 -2.34 22.91 23.78
N ALA A 559 -3.27 22.00 23.98
CA ALA A 559 -2.97 20.72 24.62
C ALA A 559 -2.13 19.81 23.74
N LEU A 560 -1.27 19.01 24.37
CA LEU A 560 -0.44 18.07 23.64
C LEU A 560 -0.85 16.67 24.05
N LEU A 561 -1.70 16.60 25.07
CA LEU A 561 -2.20 15.34 25.60
C LEU A 561 -3.70 15.45 25.86
N SER A 562 -4.34 14.32 26.17
CA SER A 562 -5.76 14.34 26.48
C SER A 562 -5.85 14.75 27.96
N GLY A 563 -7.03 15.11 28.42
CA GLY A 563 -7.18 15.50 29.81
C GLY A 563 -6.54 14.47 30.73
N ARG A 564 -6.99 13.22 30.63
CA ARG A 564 -6.48 12.13 31.45
C ARG A 564 -4.96 12.01 31.40
N GLU A 565 -4.41 11.94 30.19
CA GLU A 565 -2.98 11.81 30.05
C GLU A 565 -2.23 12.89 30.81
N MET A 566 -2.74 14.12 30.76
CA MET A 566 -2.11 15.24 31.47
C MET A 566 -1.95 14.93 32.94
N ILE A 567 -3.00 14.37 33.55
CA ILE A 567 -2.96 14.03 34.95
C ILE A 567 -1.91 12.94 35.19
N VAL A 568 -2.06 11.82 34.49
CA VAL A 568 -1.14 10.69 34.63
C VAL A 568 0.32 10.96 34.28
N PHE A 569 0.58 11.60 33.14
CA PHE A 569 1.96 11.85 32.72
C PHE A 569 2.76 12.69 33.70
N GLN A 570 4.05 12.38 33.79
CA GLN A 570 4.98 13.09 34.67
C GLN A 570 6.15 13.63 33.86
N TYR A 571 6.19 13.30 32.58
CA TYR A 571 7.25 13.78 31.70
C TYR A 571 6.62 14.37 30.46
N GLY A 572 7.29 15.36 29.87
CA GLY A 572 6.76 15.97 28.67
C GLY A 572 5.85 17.16 28.97
N ARG A 573 5.60 17.96 27.94
CA ARG A 573 4.74 19.13 28.07
C ARG A 573 3.29 18.72 27.94
N ALA A 574 2.44 19.35 28.76
CA ALA A 574 1.01 19.07 28.71
C ALA A 574 0.33 20.10 27.83
N VAL A 575 0.83 21.33 27.91
CA VAL A 575 0.27 22.44 27.15
C VAL A 575 1.33 23.35 26.55
N LYS A 576 1.12 23.73 25.30
CA LYS A 576 2.01 24.66 24.63
C LYS A 576 1.30 26.00 24.77
N VAL A 577 1.78 26.82 25.68
CA VAL A 577 1.16 28.12 25.95
C VAL A 577 1.35 29.16 24.87
N ARG A 578 0.25 29.83 24.53
CA ARG A 578 0.25 30.88 23.53
C ARG A 578 0.53 32.23 24.16
N LYS A 579 -0.15 32.50 25.26
CA LYS A 579 0.01 33.75 25.96
C LYS A 579 -0.39 33.56 27.42
N GLY A 580 0.23 34.33 28.29
CA GLY A 580 -0.11 34.24 29.70
C GLY A 580 -0.88 35.48 30.14
N VAL A 581 -1.40 35.44 31.36
CA VAL A 581 -2.15 36.56 31.90
C VAL A 581 -1.23 37.73 32.23
N GLU A 582 0.05 37.44 32.43
CA GLU A 582 1.03 38.49 32.72
C GLU A 582 1.60 39.03 31.41
N LYS B 6 7.87 -5.02 -40.09
CA LYS B 6 8.33 -5.76 -38.88
C LYS B 6 9.60 -5.16 -38.29
N MET B 7 9.51 -3.90 -37.87
CA MET B 7 10.65 -3.19 -37.28
C MET B 7 10.55 -3.21 -35.75
N LEU B 8 9.51 -3.86 -35.25
CA LEU B 8 9.26 -3.94 -33.82
C LEU B 8 8.57 -5.27 -33.50
N LYS B 9 9.17 -6.04 -32.59
CA LYS B 9 8.59 -7.30 -32.18
C LYS B 9 8.07 -7.09 -30.76
N PHE B 10 6.94 -7.70 -30.44
CA PHE B 10 6.35 -7.57 -29.11
C PHE B 10 5.67 -8.89 -28.74
N GLU B 11 6.10 -9.48 -27.63
CA GLU B 11 5.57 -10.77 -27.19
C GLU B 11 5.11 -10.73 -25.73
N ILE B 12 4.01 -11.43 -25.42
CA ILE B 12 3.48 -11.49 -24.06
C ILE B 12 4.15 -12.64 -23.28
N LYS B 13 4.98 -12.31 -22.30
CA LYS B 13 5.66 -13.34 -21.51
C LYS B 13 4.91 -13.82 -20.27
N ALA B 14 4.00 -13.00 -19.75
CA ALA B 14 3.19 -13.36 -18.59
C ALA B 14 2.10 -12.31 -18.45
N ARG B 15 1.04 -12.61 -17.70
CA ARG B 15 -0.07 -11.67 -17.57
C ARG B 15 -0.94 -11.79 -16.32
N ASP B 16 -1.75 -10.77 -16.10
CA ASP B 16 -2.69 -10.72 -14.99
C ASP B 16 -3.60 -9.53 -15.22
N GLY B 17 -4.89 -9.67 -14.88
CA GLY B 17 -5.82 -8.59 -15.14
C GLY B 17 -5.71 -8.32 -16.62
N ALA B 18 -5.73 -7.06 -17.03
CA ALA B 18 -5.58 -6.74 -18.45
C ALA B 18 -4.12 -6.35 -18.66
N GLY B 19 -3.30 -6.57 -17.63
CA GLY B 19 -1.89 -6.22 -17.71
C GLY B 19 -1.01 -7.33 -18.25
N ARG B 20 0.23 -7.01 -18.57
CA ARG B 20 1.11 -8.02 -19.11
C ARG B 20 2.58 -7.69 -19.01
N ILE B 21 3.38 -8.73 -18.84
CA ILE B 21 4.82 -8.57 -18.81
C ILE B 21 5.17 -8.92 -20.25
N GLY B 22 5.85 -8.02 -20.95
CA GLY B 22 6.16 -8.31 -22.33
C GLY B 22 7.60 -8.16 -22.76
N LYS B 23 7.88 -8.73 -23.92
CA LYS B 23 9.20 -8.67 -24.52
C LYS B 23 9.10 -7.73 -25.72
N LEU B 24 9.85 -6.65 -25.67
CA LEU B 24 9.83 -5.67 -26.75
C LEU B 24 11.21 -5.55 -27.38
N GLU B 25 11.29 -5.87 -28.67
CA GLU B 25 12.57 -5.79 -29.38
C GLU B 25 12.56 -4.79 -30.55
N VAL B 26 13.60 -3.97 -30.60
CA VAL B 26 13.77 -2.97 -31.65
C VAL B 26 15.25 -2.96 -32.01
N ASN B 27 15.56 -3.12 -33.29
CA ASN B 27 16.96 -3.12 -33.73
C ASN B 27 17.78 -4.14 -32.96
N GLY B 28 17.22 -5.34 -32.75
CA GLY B 28 17.94 -6.36 -32.02
C GLY B 28 18.16 -6.01 -30.54
N LYS B 29 17.50 -4.96 -30.07
CA LYS B 29 17.60 -4.57 -28.68
C LYS B 29 16.32 -4.99 -27.98
N LYS B 30 16.45 -5.83 -26.96
CA LYS B 30 15.30 -6.34 -26.22
C LYS B 30 15.11 -5.58 -24.92
N ILE B 31 13.85 -5.51 -24.49
CA ILE B 31 13.53 -4.82 -23.24
C ILE B 31 12.29 -5.51 -22.67
N GLU B 32 12.14 -5.51 -21.35
CA GLU B 32 10.96 -6.15 -20.76
C GLU B 32 9.96 -5.08 -20.34
N THR B 33 8.68 -5.35 -20.56
CA THR B 33 7.65 -4.39 -20.16
C THR B 33 6.76 -5.08 -19.12
N PRO B 34 6.11 -4.30 -18.25
CA PRO B 34 6.10 -2.84 -18.13
C PRO B 34 7.48 -2.24 -17.99
N ALA B 35 7.67 -1.09 -18.63
CA ALA B 35 8.94 -0.38 -18.61
C ALA B 35 8.66 1.10 -18.61
N ILE B 36 9.55 1.86 -17.99
CA ILE B 36 9.43 3.30 -17.90
C ILE B 36 10.70 3.91 -18.47
N MET B 37 10.51 4.87 -19.37
CA MET B 37 11.64 5.52 -19.99
C MET B 37 11.86 6.91 -19.42
N PRO B 38 13.04 7.14 -18.84
CA PRO B 38 13.30 8.46 -18.28
C PRO B 38 13.36 9.50 -19.41
N VAL B 39 12.71 10.64 -19.21
CA VAL B 39 12.72 11.70 -20.20
C VAL B 39 14.07 12.41 -20.03
N VAL B 40 14.79 12.60 -21.12
CA VAL B 40 16.10 13.25 -21.05
C VAL B 40 16.10 14.60 -21.77
N ASN B 41 16.55 15.62 -21.07
CA ASN B 41 16.61 16.96 -21.66
C ASN B 41 17.99 17.17 -22.26
N PRO B 42 18.07 17.34 -23.60
CA PRO B 42 19.31 17.56 -24.33
C PRO B 42 20.10 18.76 -23.81
N LYS B 43 19.39 19.75 -23.29
CA LYS B 43 20.03 20.94 -22.77
C LYS B 43 20.51 20.75 -21.34
N GLN B 44 19.61 20.39 -20.44
CA GLN B 44 19.96 20.18 -19.04
C GLN B 44 19.72 18.74 -18.64
N MET B 45 20.72 18.12 -18.01
CA MET B 45 20.56 16.74 -17.57
C MET B 45 20.92 16.60 -16.08
N VAL B 46 19.92 16.36 -15.25
CA VAL B 46 20.18 16.19 -13.83
C VAL B 46 20.97 14.89 -13.68
N VAL B 47 20.51 13.85 -14.36
CA VAL B 47 21.20 12.57 -14.35
C VAL B 47 21.47 12.28 -15.83
N GLU B 48 22.62 11.70 -16.13
CA GLU B 48 22.96 11.44 -17.51
C GLU B 48 22.68 10.04 -18.00
N PRO B 49 22.31 9.92 -19.29
CA PRO B 49 21.98 8.67 -19.97
C PRO B 49 22.86 7.49 -19.55
N LYS B 50 24.18 7.67 -19.52
CA LYS B 50 25.04 6.56 -19.14
C LYS B 50 24.80 6.16 -17.69
N GLU B 51 24.48 7.12 -16.84
CA GLU B 51 24.19 6.82 -15.45
C GLU B 51 22.87 6.05 -15.43
N LEU B 52 21.88 6.57 -16.18
CA LEU B 52 20.56 5.92 -16.29
C LEU B 52 20.71 4.50 -16.81
N GLU B 53 21.69 4.30 -17.68
CA GLU B 53 21.91 2.97 -18.24
C GLU B 53 22.50 2.06 -17.18
N LYS B 54 23.35 2.61 -16.33
CA LYS B 54 23.97 1.83 -15.26
C LYS B 54 22.89 1.45 -14.25
N MET B 55 21.91 2.34 -14.07
CA MET B 55 20.83 2.09 -13.15
C MET B 55 19.85 1.07 -13.70
N GLY B 56 20.01 0.70 -14.96
CA GLY B 56 19.13 -0.29 -15.55
C GLY B 56 18.01 0.21 -16.45
N PHE B 57 18.00 1.48 -16.80
CA PHE B 57 16.98 1.99 -17.68
C PHE B 57 17.47 1.71 -19.09
N GLU B 58 16.90 0.69 -19.74
CA GLU B 58 17.31 0.32 -21.09
C GLU B 58 16.52 0.99 -22.22
N ILE B 59 15.75 2.01 -21.87
CA ILE B 59 15.00 2.77 -22.87
C ILE B 59 14.80 4.16 -22.31
N ILE B 60 14.97 5.17 -23.16
CA ILE B 60 14.80 6.55 -22.76
C ILE B 60 14.06 7.34 -23.85
N ILE B 61 13.78 8.61 -23.62
CA ILE B 61 13.08 9.40 -24.63
C ILE B 61 13.57 10.84 -24.60
N THR B 62 13.74 11.44 -25.77
CA THR B 62 14.17 12.81 -25.82
C THR B 62 13.30 13.58 -26.79
N ASN B 63 13.42 14.89 -26.75
CA ASN B 63 12.62 15.74 -27.60
C ASN B 63 13.39 16.07 -28.88
N SER B 64 13.04 15.38 -29.97
CA SER B 64 13.69 15.58 -31.27
C SER B 64 13.53 17.01 -31.75
N TYR B 65 12.38 17.62 -31.46
CA TYR B 65 12.12 18.99 -31.87
C TYR B 65 13.12 19.96 -31.24
N ILE B 66 13.36 19.81 -29.94
CA ILE B 66 14.30 20.67 -29.26
C ILE B 66 15.69 20.49 -29.84
N ILE B 67 16.08 19.23 -30.02
CA ILE B 67 17.37 18.93 -30.61
C ILE B 67 17.47 19.63 -31.96
N TYR B 68 16.36 19.56 -32.70
CA TYR B 68 16.24 20.17 -34.02
C TYR B 68 16.43 21.69 -34.01
N LYS B 69 15.70 22.37 -33.14
CA LYS B 69 15.76 23.82 -33.05
C LYS B 69 17.04 24.42 -32.47
N ASP B 70 17.99 23.57 -32.09
CA ASP B 70 19.24 24.05 -31.51
C ASP B 70 20.47 23.69 -32.35
N GLU B 71 21.12 24.70 -32.93
CA GLU B 71 22.30 24.49 -33.76
C GLU B 71 23.26 23.46 -33.18
N GLU B 72 23.71 23.71 -31.95
CA GLU B 72 24.63 22.83 -31.24
C GLU B 72 24.23 21.36 -31.31
N LEU B 73 23.08 21.05 -30.69
CA LEU B 73 22.55 19.70 -30.65
C LEU B 73 22.27 19.16 -32.06
N ARG B 74 21.78 20.05 -32.91
CA ARG B 74 21.46 19.74 -34.30
C ARG B 74 22.67 19.13 -35.01
N ARG B 75 23.80 19.84 -34.93
CA ARG B 75 25.05 19.39 -35.55
C ARG B 75 25.48 18.04 -34.99
N LYS B 76 25.71 18.01 -33.69
CA LYS B 76 26.14 16.79 -33.02
C LYS B 76 25.22 15.61 -33.31
N ALA B 77 23.92 15.90 -33.42
CA ALA B 77 22.93 14.86 -33.70
C ALA B 77 23.15 14.26 -35.08
N LEU B 78 23.09 15.10 -36.11
CA LEU B 78 23.31 14.66 -37.48
C LEU B 78 24.69 14.04 -37.59
N GLU B 79 25.67 14.76 -37.03
CA GLU B 79 27.06 14.31 -37.04
C GLU B 79 27.29 12.94 -36.39
N LEU B 80 26.95 12.82 -35.11
CA LEU B 80 27.16 11.58 -34.36
C LEU B 80 25.99 10.61 -34.22
N GLY B 81 24.76 11.13 -34.29
CA GLY B 81 23.58 10.28 -34.12
C GLY B 81 23.31 10.13 -32.64
N ILE B 82 22.13 10.56 -32.18
CA ILE B 82 21.76 10.52 -30.75
C ILE B 82 22.43 9.47 -29.87
N HIS B 83 22.53 8.24 -30.34
CA HIS B 83 23.16 7.21 -29.54
C HIS B 83 24.54 7.62 -29.01
N ARG B 84 25.45 7.99 -29.91
CA ARG B 84 26.78 8.42 -29.48
C ARG B 84 26.71 9.80 -28.84
N MET B 85 25.80 10.63 -29.33
CA MET B 85 25.64 11.98 -28.81
C MET B 85 25.29 11.98 -27.33
N LEU B 86 24.39 11.07 -26.95
CA LEU B 86 23.94 10.94 -25.56
C LEU B 86 24.75 9.92 -24.77
N ASP B 87 25.65 9.23 -25.45
CA ASP B 87 26.45 8.21 -24.78
C ASP B 87 25.49 7.24 -24.09
N TYR B 88 24.53 6.76 -24.86
CA TYR B 88 23.53 5.81 -24.37
C TYR B 88 23.43 4.73 -25.45
N ASN B 89 23.46 3.46 -25.04
CA ASN B 89 23.40 2.38 -25.99
C ASN B 89 22.11 1.58 -25.95
N GLY B 90 21.15 2.04 -25.17
CA GLY B 90 19.89 1.34 -25.10
C GLY B 90 18.96 1.85 -26.19
N ILE B 91 17.68 1.50 -26.06
CA ILE B 91 16.68 1.93 -27.01
C ILE B 91 16.46 3.41 -26.77
N ILE B 92 16.54 4.21 -27.83
CA ILE B 92 16.31 5.64 -27.70
C ILE B 92 15.08 5.98 -28.50
N GLU B 93 14.11 6.55 -27.79
CA GLU B 93 12.86 6.94 -28.38
C GLU B 93 12.89 8.45 -28.42
N VAL B 94 12.17 9.05 -29.36
CA VAL B 94 12.17 10.50 -29.44
C VAL B 94 10.75 11.02 -29.66
N ASP B 95 10.48 12.21 -29.14
CA ASP B 95 9.16 12.80 -29.29
C ASP B 95 9.15 13.83 -30.42
N SER B 96 7.97 14.05 -31.00
CA SER B 96 7.82 14.96 -32.12
C SER B 96 7.97 16.44 -31.83
N GLY B 97 7.47 16.87 -30.68
CA GLY B 97 7.52 18.26 -30.31
C GLY B 97 6.09 18.63 -30.00
N SER B 98 5.24 17.61 -29.98
CA SER B 98 3.82 17.77 -29.68
C SER B 98 3.67 18.38 -28.30
N PHE B 99 4.61 18.07 -27.42
CA PHE B 99 4.57 18.60 -26.07
C PHE B 99 4.59 20.12 -26.12
N GLN B 100 5.42 20.67 -27.00
CA GLN B 100 5.51 22.11 -27.15
C GLN B 100 4.19 22.65 -27.68
N LEU B 101 3.48 21.82 -28.44
CA LEU B 101 2.18 22.18 -28.98
C LEU B 101 1.18 22.41 -27.86
N MET B 102 1.28 21.58 -26.82
CA MET B 102 0.38 21.69 -25.67
C MET B 102 0.39 23.10 -25.12
N LYS B 103 1.60 23.60 -24.84
CA LYS B 103 1.79 24.93 -24.26
C LYS B 103 1.99 26.10 -25.22
N TYR B 104 2.23 25.84 -26.50
CA TYR B 104 2.43 26.93 -27.44
C TYR B 104 1.47 26.94 -28.61
N GLY B 105 0.83 25.81 -28.89
CA GLY B 105 -0.08 25.75 -30.02
C GLY B 105 0.66 26.20 -31.26
N SER B 106 1.38 25.27 -31.87
CA SER B 106 2.20 25.49 -33.08
C SER B 106 3.69 25.51 -32.76
N ILE B 107 4.49 25.05 -33.71
CA ILE B 107 5.94 25.02 -33.57
C ILE B 107 6.54 25.29 -34.94
N GLU B 108 7.83 25.62 -34.98
CA GLU B 108 8.48 25.92 -36.26
C GLU B 108 9.11 24.72 -36.95
N VAL B 109 8.29 23.73 -37.26
CA VAL B 109 8.74 22.52 -37.93
C VAL B 109 7.52 21.77 -38.43
N SER B 110 7.66 21.06 -39.56
CA SER B 110 6.54 20.33 -40.12
C SER B 110 6.57 18.86 -39.75
N ASN B 111 5.40 18.22 -39.80
CA ASN B 111 5.28 16.81 -39.47
C ASN B 111 6.32 16.04 -40.27
N ARG B 112 6.44 16.37 -41.54
CA ARG B 112 7.37 15.73 -42.45
C ARG B 112 8.83 16.00 -42.07
N GLU B 113 9.13 17.27 -41.78
CA GLU B 113 10.49 17.65 -41.42
C GLU B 113 11.07 16.86 -40.23
N ILE B 114 10.41 16.93 -39.07
CA ILE B 114 10.88 16.19 -37.89
C ILE B 114 10.97 14.70 -38.17
N ILE B 115 9.94 14.15 -38.80
CA ILE B 115 9.92 12.73 -39.11
C ILE B 115 11.18 12.30 -39.87
N GLU B 116 11.58 13.09 -40.85
CA GLU B 116 12.76 12.77 -41.62
C GLU B 116 14.04 13.02 -40.80
N PHE B 117 13.95 13.99 -39.89
CA PHE B 117 15.07 14.33 -39.02
C PHE B 117 15.33 13.17 -38.05
N GLN B 118 14.27 12.63 -37.48
CA GLN B 118 14.38 11.51 -36.54
C GLN B 118 15.05 10.35 -37.27
N HIS B 119 14.75 10.24 -38.56
CA HIS B 119 15.32 9.19 -39.40
C HIS B 119 16.81 9.44 -39.57
N ARG B 120 17.18 10.70 -39.72
CA ARG B 120 18.58 11.07 -39.91
C ARG B 120 19.46 10.87 -38.68
N ILE B 121 18.92 11.07 -37.48
CA ILE B 121 19.74 10.94 -36.30
C ILE B 121 19.84 9.54 -35.69
N GLY B 122 19.33 8.53 -36.40
CA GLY B 122 19.42 7.17 -35.90
C GLY B 122 18.53 6.80 -34.73
N VAL B 123 17.43 7.54 -34.58
CA VAL B 123 16.45 7.30 -33.53
C VAL B 123 15.90 5.86 -33.62
N ASP B 124 15.76 5.18 -32.49
CA ASP B 124 15.22 3.82 -32.52
C ASP B 124 13.72 3.83 -32.73
N ILE B 125 13.04 4.81 -32.13
CA ILE B 125 11.58 4.91 -32.25
C ILE B 125 11.21 6.37 -32.39
N GLY B 126 10.46 6.70 -33.44
CA GLY B 126 10.07 8.08 -33.66
C GLY B 126 8.62 8.36 -33.32
N THR B 127 8.24 9.64 -33.50
CA THR B 127 6.88 10.09 -33.22
C THR B 127 6.51 11.21 -34.20
N PHE B 128 5.26 11.23 -34.66
CA PHE B 128 4.84 12.29 -35.56
C PHE B 128 4.15 13.36 -34.75
N LEU B 129 3.75 14.45 -35.40
CA LEU B 129 3.11 15.55 -34.70
C LEU B 129 1.64 15.39 -34.36
N ASP B 130 1.32 14.51 -33.44
CA ASP B 130 -0.06 14.34 -33.02
C ASP B 130 -0.41 15.55 -32.15
N ILE B 131 -1.67 15.98 -32.18
CA ILE B 131 -2.06 17.14 -31.39
C ILE B 131 -2.69 16.74 -30.05
N PRO B 132 -2.02 17.02 -28.92
CA PRO B 132 -2.52 16.67 -27.59
C PRO B 132 -3.68 17.54 -27.10
N THR B 133 -4.87 17.35 -27.67
CA THR B 133 -6.03 18.14 -27.27
C THR B 133 -6.22 18.08 -25.75
N PRO B 134 -6.47 19.24 -25.11
CA PRO B 134 -6.67 19.30 -23.66
C PRO B 134 -7.90 18.50 -23.25
N PRO B 135 -7.95 18.08 -21.97
CA PRO B 135 -9.01 17.29 -21.32
C PRO B 135 -10.46 17.61 -21.66
N ASP B 136 -10.93 18.83 -21.47
CA ASP B 136 -12.34 19.04 -21.75
C ASP B 136 -12.66 20.05 -22.86
N ALA B 137 -11.89 19.98 -23.95
CA ALA B 137 -12.08 20.89 -25.06
C ALA B 137 -13.45 20.68 -25.69
N PRO B 138 -13.96 21.71 -26.39
CA PRO B 138 -15.26 21.63 -27.04
C PRO B 138 -15.15 20.52 -28.09
N ARG B 139 -16.23 19.83 -28.40
CA ARG B 139 -16.17 18.74 -29.37
C ARG B 139 -15.59 19.12 -30.73
N GLU B 140 -15.93 20.30 -31.23
CA GLU B 140 -15.41 20.73 -32.54
C GLU B 140 -13.89 20.74 -32.57
N GLN B 141 -13.28 21.09 -31.44
CA GLN B 141 -11.83 21.14 -31.38
C GLN B 141 -11.24 19.74 -31.23
N ALA B 142 -11.89 18.91 -30.43
CA ALA B 142 -11.41 17.55 -30.24
C ALA B 142 -11.44 16.89 -31.61
N VAL B 143 -12.48 17.19 -32.37
CA VAL B 143 -12.63 16.60 -33.70
C VAL B 143 -11.66 17.19 -34.72
N LYS B 144 -11.59 18.52 -34.77
CA LYS B 144 -10.70 19.18 -35.72
C LYS B 144 -9.29 18.61 -35.59
N GLU B 145 -8.70 18.81 -34.42
CA GLU B 145 -7.35 18.36 -34.14
C GLU B 145 -7.11 16.89 -34.38
N LEU B 146 -8.11 16.05 -34.10
CA LEU B 146 -7.91 14.63 -34.34
C LEU B 146 -7.74 14.35 -35.83
N GLU B 147 -8.55 14.99 -36.67
CA GLU B 147 -8.45 14.80 -38.12
C GLU B 147 -7.09 15.30 -38.59
N ILE B 148 -6.64 16.41 -38.03
CA ILE B 148 -5.33 16.93 -38.38
C ILE B 148 -4.30 15.89 -37.95
N THR B 149 -4.47 15.35 -36.74
CA THR B 149 -3.53 14.34 -36.25
C THR B 149 -3.47 13.16 -37.23
N LEU B 150 -4.63 12.63 -37.58
CA LEU B 150 -4.69 11.51 -38.51
C LEU B 150 -4.13 11.80 -39.89
N SER B 151 -4.21 13.03 -40.38
CA SER B 151 -3.65 13.31 -41.69
C SER B 151 -2.13 13.22 -41.54
N ARG B 152 -1.62 13.64 -40.40
CA ARG B 152 -0.19 13.57 -40.14
C ARG B 152 0.18 12.10 -39.92
N ALA B 153 -0.78 11.31 -39.46
CA ALA B 153 -0.53 9.89 -39.25
C ALA B 153 -0.40 9.26 -40.61
N ARG B 154 -1.30 9.65 -41.53
CA ARG B 154 -1.27 9.12 -42.90
C ARG B 154 0.02 9.52 -43.61
N GLU B 155 0.48 10.76 -43.40
CA GLU B 155 1.70 11.19 -44.04
C GLU B 155 2.86 10.40 -43.46
N ALA B 156 2.83 10.18 -42.15
CA ALA B 156 3.89 9.47 -41.45
C ALA B 156 3.95 8.01 -41.86
N GLU B 157 2.79 7.41 -42.10
CA GLU B 157 2.76 6.01 -42.50
C GLU B 157 3.37 5.88 -43.89
N GLU B 158 3.16 6.89 -44.73
CA GLU B 158 3.70 6.88 -46.09
C GLU B 158 5.23 6.93 -46.11
N ILE B 159 5.79 7.94 -45.48
CA ILE B 159 7.24 8.14 -45.46
C ILE B 159 8.01 7.42 -44.37
N LYS B 160 7.31 6.95 -43.35
CA LYS B 160 7.95 6.25 -42.25
C LYS B 160 9.04 5.29 -42.71
N GLU B 161 10.19 5.36 -42.05
CA GLU B 161 11.32 4.47 -42.35
C GLU B 161 11.97 4.13 -41.01
N ILE B 162 11.13 4.09 -39.97
CA ILE B 162 11.56 3.81 -38.62
C ILE B 162 10.30 3.48 -37.82
N PRO B 163 10.45 2.68 -36.74
CA PRO B 163 9.27 2.35 -35.93
C PRO B 163 8.73 3.67 -35.38
N MET B 164 7.41 3.80 -35.23
CA MET B 164 6.88 5.04 -34.72
C MET B 164 5.73 4.89 -33.76
N ASN B 165 5.55 5.92 -32.93
CA ASN B 165 4.47 5.99 -31.97
C ASN B 165 3.28 6.64 -32.69
N ALA B 166 2.13 5.98 -32.68
CA ALA B 166 0.93 6.53 -33.28
C ALA B 166 -0.01 6.82 -32.11
N THR B 167 0.06 8.04 -31.58
CA THR B 167 -0.71 8.47 -30.41
C THR B 167 -2.23 8.66 -30.55
N ILE B 168 -3.00 7.94 -29.73
CA ILE B 168 -4.46 8.04 -29.72
C ILE B 168 -4.78 9.41 -29.11
N GLN B 169 -5.59 10.21 -29.81
CA GLN B 169 -5.80 11.58 -29.35
C GLN B 169 -7.22 12.19 -29.42
N GLY B 170 -8.21 11.64 -28.72
CA GLY B 170 -9.53 12.26 -28.81
C GLY B 170 -10.05 13.08 -27.63
N SER B 171 -9.16 13.72 -26.87
CA SER B 171 -9.59 14.50 -25.71
C SER B 171 -10.34 13.59 -24.74
N THR B 172 -11.43 14.10 -24.17
CA THR B 172 -12.21 13.28 -23.26
C THR B 172 -13.49 12.69 -23.85
N TYR B 173 -13.52 12.51 -25.17
CA TYR B 173 -14.70 11.92 -25.80
C TYR B 173 -14.34 10.49 -26.15
N THR B 174 -14.82 9.55 -25.34
CA THR B 174 -14.53 8.15 -25.55
C THR B 174 -14.84 7.69 -26.95
N ASP B 175 -15.88 8.27 -27.56
CA ASP B 175 -16.22 7.85 -28.92
C ASP B 175 -15.13 8.31 -29.89
N LEU B 176 -14.52 9.46 -29.61
CA LEU B 176 -13.44 9.95 -30.45
C LEU B 176 -12.17 9.14 -30.21
N ARG B 177 -11.99 8.69 -28.96
CA ARG B 177 -10.82 7.88 -28.64
C ARG B 177 -10.92 6.57 -29.39
N ARG B 178 -12.12 5.98 -29.38
CA ARG B 178 -12.38 4.71 -30.05
C ARG B 178 -12.02 4.80 -31.52
N TYR B 179 -12.62 5.77 -32.19
CA TYR B 179 -12.40 6.01 -33.60
C TYR B 179 -10.89 6.21 -33.84
N ALA B 180 -10.31 7.12 -33.09
CA ALA B 180 -8.89 7.41 -33.21
C ALA B 180 -8.07 6.14 -33.08
N ALA B 181 -8.49 5.24 -32.19
CA ALA B 181 -7.75 4.00 -32.02
C ALA B 181 -7.96 3.09 -33.22
N ARG B 182 -9.22 2.94 -33.64
CA ARG B 182 -9.55 2.09 -34.78
C ARG B 182 -8.66 2.42 -35.97
N ARG B 183 -8.71 3.68 -36.38
CA ARG B 183 -7.94 4.18 -37.51
C ARG B 183 -6.44 3.94 -37.37
N LEU B 184 -5.85 4.33 -36.25
CA LEU B 184 -4.41 4.11 -36.08
C LEU B 184 -4.06 2.63 -36.04
N SER B 185 -4.94 1.80 -35.49
CA SER B 185 -4.70 0.35 -35.42
C SER B 185 -4.65 -0.24 -36.81
N SER B 186 -5.55 0.23 -37.66
CA SER B 186 -5.64 -0.24 -39.04
C SER B 186 -4.42 0.20 -39.84
N MET B 187 -3.71 1.22 -39.37
CA MET B 187 -2.54 1.69 -40.07
C MET B 187 -1.28 0.95 -39.61
N ASN B 188 -0.19 1.12 -40.36
CA ASN B 188 1.06 0.43 -40.04
C ASN B 188 1.98 1.19 -39.08
N PHE B 189 1.77 0.97 -37.80
CA PHE B 189 2.58 1.58 -36.75
C PHE B 189 2.84 0.46 -35.74
N GLU B 190 3.87 0.62 -34.92
CA GLU B 190 4.21 -0.43 -33.96
C GLU B 190 3.93 -0.19 -32.47
N ILE B 191 3.74 1.06 -32.07
CA ILE B 191 3.45 1.38 -30.67
C ILE B 191 2.32 2.40 -30.61
N HIS B 192 1.45 2.29 -29.62
CA HIS B 192 0.35 3.24 -29.50
C HIS B 192 0.25 4.03 -28.21
N PRO B 193 0.84 5.23 -28.17
CA PRO B 193 0.73 6.01 -26.95
C PRO B 193 -0.72 6.52 -26.87
N ILE B 194 -1.12 6.95 -25.68
CA ILE B 194 -2.44 7.51 -25.44
C ILE B 194 -2.11 8.89 -24.90
N GLY B 195 -2.44 9.93 -25.66
CA GLY B 195 -2.09 11.28 -25.25
C GLY B 195 -3.20 12.18 -24.77
N GLY B 196 -2.82 13.43 -24.47
CA GLY B 196 -3.77 14.42 -23.99
C GLY B 196 -4.09 14.21 -22.52
N VAL B 197 -3.35 13.30 -21.87
CA VAL B 197 -3.57 12.98 -20.45
C VAL B 197 -2.72 13.72 -19.40
N VAL B 198 -1.64 14.39 -19.81
CA VAL B 198 -0.81 15.09 -18.84
C VAL B 198 -1.63 16.04 -17.95
N PRO B 199 -2.49 16.86 -18.54
CA PRO B 199 -3.28 17.76 -17.67
C PRO B 199 -4.12 16.97 -16.65
N LEU B 200 -4.58 15.78 -17.02
CA LEU B 200 -5.39 14.98 -16.11
C LEU B 200 -4.57 14.40 -14.98
N LEU B 201 -3.38 13.92 -15.29
CA LEU B 201 -2.54 13.33 -14.26
C LEU B 201 -2.07 14.39 -13.26
N GLU B 202 -1.69 15.57 -13.76
CA GLU B 202 -1.22 16.62 -12.87
C GLU B 202 -2.33 17.14 -11.96
N SER B 203 -3.58 16.81 -12.29
CA SER B 203 -4.73 17.24 -11.48
C SER B 203 -5.30 16.06 -10.73
N TYR B 204 -4.57 14.95 -10.74
CA TYR B 204 -5.01 13.73 -10.09
C TYR B 204 -6.39 13.26 -10.56
N ARG B 205 -6.80 13.70 -11.74
CA ARG B 205 -8.08 13.27 -12.31
C ARG B 205 -7.84 11.90 -12.94
N PHE B 206 -7.61 10.90 -12.09
CA PHE B 206 -7.33 9.54 -12.53
C PHE B 206 -8.55 8.82 -13.08
N ARG B 207 -9.74 9.16 -12.60
CA ARG B 207 -10.93 8.50 -13.09
C ARG B 207 -11.07 8.78 -14.59
N ASP B 208 -10.81 10.02 -15.00
CA ASP B 208 -10.91 10.39 -16.40
C ASP B 208 -9.86 9.67 -17.23
N VAL B 209 -8.69 9.43 -16.64
CA VAL B 209 -7.63 8.73 -17.35
C VAL B 209 -8.07 7.28 -17.56
N VAL B 210 -8.75 6.71 -16.58
CA VAL B 210 -9.21 5.33 -16.72
C VAL B 210 -10.17 5.23 -17.92
N ASP B 211 -11.13 6.14 -17.98
CA ASP B 211 -12.09 6.12 -19.07
C ASP B 211 -11.44 6.31 -20.43
N ILE B 212 -10.45 7.20 -20.50
CA ILE B 212 -9.76 7.44 -21.76
C ILE B 212 -8.94 6.23 -22.15
N VAL B 213 -8.24 5.64 -21.18
CA VAL B 213 -7.44 4.47 -21.48
C VAL B 213 -8.30 3.27 -21.90
N ILE B 214 -9.33 2.94 -21.13
CA ILE B 214 -10.16 1.79 -21.48
C ILE B 214 -10.82 1.95 -22.87
N SER B 215 -11.38 3.12 -23.15
CA SER B 215 -12.01 3.32 -24.45
C SER B 215 -10.96 3.17 -25.57
N SER B 216 -9.72 3.56 -25.29
CA SER B 216 -8.66 3.43 -26.30
C SER B 216 -8.27 1.98 -26.44
N LYS B 217 -8.06 1.32 -25.30
CA LYS B 217 -7.65 -0.07 -25.30
C LYS B 217 -8.68 -0.98 -25.93
N MET B 218 -9.96 -0.64 -25.79
CA MET B 218 -11.01 -1.45 -26.38
C MET B 218 -10.88 -1.50 -27.90
N ALA B 219 -10.46 -0.41 -28.52
CA ALA B 219 -10.34 -0.37 -29.97
C ALA B 219 -8.94 -0.62 -30.52
N LEU B 220 -7.97 -0.82 -29.65
CA LEU B 220 -6.61 -1.06 -30.11
C LEU B 220 -6.33 -2.53 -30.41
N ARG B 221 -5.40 -2.75 -31.35
CA ARG B 221 -4.98 -4.10 -31.69
C ARG B 221 -4.17 -4.56 -30.49
N PRO B 222 -4.60 -5.62 -29.82
CA PRO B 222 -3.91 -6.14 -28.63
C PRO B 222 -2.42 -6.41 -28.78
N ASP B 223 -1.96 -6.72 -29.99
CA ASP B 223 -0.56 -7.05 -30.21
C ASP B 223 0.44 -5.90 -30.21
N ARG B 224 -0.04 -4.67 -30.13
CA ARG B 224 0.86 -3.53 -30.13
C ARG B 224 1.02 -2.90 -28.75
N PRO B 225 2.25 -2.48 -28.41
CA PRO B 225 2.50 -1.86 -27.11
C PRO B 225 1.71 -0.57 -26.95
N VAL B 226 1.26 -0.30 -25.74
CA VAL B 226 0.51 0.91 -25.45
C VAL B 226 1.40 1.70 -24.51
N HIS B 227 1.43 3.01 -24.70
CA HIS B 227 2.27 3.90 -23.91
C HIS B 227 1.38 5.00 -23.34
N LEU B 228 1.40 5.20 -22.02
CA LEU B 228 0.60 6.26 -21.41
C LEU B 228 1.48 7.50 -21.32
N PHE B 229 1.42 8.34 -22.34
CA PHE B 229 2.24 9.55 -22.41
C PHE B 229 2.16 10.48 -21.21
N GLY B 230 3.31 10.70 -20.58
CA GLY B 230 3.36 11.60 -19.44
C GLY B 230 3.10 10.97 -18.08
N ALA B 231 2.80 9.67 -18.04
CA ALA B 231 2.55 9.01 -16.76
C ALA B 231 3.90 8.63 -16.17
N GLY B 232 4.51 9.55 -15.43
CA GLY B 232 5.82 9.28 -14.87
C GLY B 232 5.92 9.21 -13.35
N HIS B 233 4.79 9.14 -12.67
CA HIS B 233 4.80 9.07 -11.22
C HIS B 233 4.40 7.65 -10.77
N PRO B 234 5.19 7.04 -9.90
CA PRO B 234 4.92 5.68 -9.40
C PRO B 234 3.47 5.46 -8.95
N ILE B 235 2.78 6.54 -8.61
CA ILE B 235 1.43 6.40 -8.12
C ILE B 235 0.42 5.72 -9.06
N VAL B 236 0.58 5.87 -10.38
CA VAL B 236 -0.38 5.25 -11.33
C VAL B 236 0.05 3.92 -11.94
N PHE B 237 1.32 3.56 -11.79
CA PHE B 237 1.81 2.31 -12.39
C PHE B 237 0.92 1.08 -12.21
N ALA B 238 0.75 0.59 -10.99
CA ALA B 238 -0.07 -0.61 -10.79
C ALA B 238 -1.45 -0.48 -11.43
N LEU B 239 -2.11 0.66 -11.24
CA LEU B 239 -3.43 0.86 -11.83
C LEU B 239 -3.34 0.76 -13.33
N ALA B 240 -2.52 1.61 -13.92
CA ALA B 240 -2.34 1.65 -15.36
C ALA B 240 -1.96 0.30 -15.98
N VAL B 241 -1.01 -0.39 -15.37
CA VAL B 241 -0.59 -1.67 -15.92
C VAL B 241 -1.79 -2.61 -15.95
N ALA B 242 -2.64 -2.50 -14.94
CA ALA B 242 -3.80 -3.36 -14.85
C ALA B 242 -4.77 -3.08 -16.00
N MET B 243 -4.63 -1.93 -16.62
CA MET B 243 -5.49 -1.56 -17.75
C MET B 243 -4.86 -1.95 -19.08
N GLY B 244 -3.66 -2.53 -19.01
CA GLY B 244 -2.97 -2.93 -20.23
C GLY B 244 -1.98 -1.90 -20.78
N VAL B 245 -1.50 -1.00 -19.93
CA VAL B 245 -0.52 0.00 -20.38
C VAL B 245 0.85 -0.62 -20.19
N ASP B 246 1.65 -0.68 -21.26
CA ASP B 246 2.98 -1.29 -21.21
C ASP B 246 4.16 -0.34 -21.06
N LEU B 247 3.97 0.93 -21.41
CA LEU B 247 5.06 1.89 -21.36
C LEU B 247 4.70 3.21 -20.72
N PHE B 248 5.70 3.77 -20.02
CA PHE B 248 5.59 5.04 -19.33
C PHE B 248 6.84 5.86 -19.59
N ASP B 249 6.71 7.17 -19.48
CA ASP B 249 7.85 8.05 -19.65
C ASP B 249 7.74 9.01 -18.48
N SER B 250 8.88 9.38 -17.91
CA SER B 250 8.88 10.28 -16.77
C SER B 250 9.88 11.44 -16.88
N ALA B 251 9.37 12.64 -16.66
CA ALA B 251 10.20 13.86 -16.65
C ALA B 251 10.15 14.34 -15.20
N SER B 252 9.12 13.89 -14.51
CA SER B 252 8.90 14.25 -13.12
C SER B 252 10.06 13.88 -12.17
N TYR B 253 10.68 12.73 -12.36
CA TYR B 253 11.75 12.35 -11.45
C TYR B 253 12.74 13.50 -11.28
N ALA B 254 12.99 14.22 -12.37
CA ALA B 254 13.92 15.34 -12.34
C ALA B 254 13.23 16.64 -11.96
N LEU B 255 12.15 16.99 -12.67
CA LEU B 255 11.46 18.24 -12.39
C LEU B 255 11.06 18.35 -10.94
N TYR B 256 10.53 17.26 -10.37
CA TYR B 256 10.13 17.26 -8.97
C TYR B 256 11.33 17.56 -8.08
N ALA B 257 12.44 16.89 -8.35
CA ALA B 257 13.64 17.08 -7.55
C ALA B 257 14.02 18.55 -7.55
N LYS B 258 13.94 19.20 -8.70
CA LYS B 258 14.29 20.61 -8.82
C LYS B 258 13.47 21.48 -7.86
N ASP B 259 12.34 20.96 -7.39
CA ASP B 259 11.51 21.70 -6.44
C ASP B 259 11.47 21.00 -5.10
N ASP B 260 12.53 20.23 -4.82
CA ASP B 260 12.63 19.49 -3.56
C ASP B 260 11.38 18.67 -3.25
N ARG B 261 10.87 17.97 -4.27
CA ARG B 261 9.70 17.11 -4.15
C ARG B 261 10.21 15.68 -4.21
N TYR B 262 9.77 14.89 -3.23
CA TYR B 262 10.21 13.50 -3.03
C TYR B 262 9.11 12.50 -3.38
N MET B 263 9.35 11.64 -4.38
CA MET B 263 8.36 10.65 -4.79
C MET B 263 8.17 9.43 -3.88
N THR B 264 6.96 8.88 -3.93
CA THR B 264 6.55 7.73 -3.13
C THR B 264 5.49 6.93 -3.90
N PRO B 265 5.42 5.61 -3.67
CA PRO B 265 4.40 4.86 -4.40
C PRO B 265 3.00 5.41 -4.11
N GLU B 266 2.84 6.09 -2.98
CA GLU B 266 1.53 6.63 -2.61
C GLU B 266 1.36 8.09 -2.98
N GLY B 267 2.41 8.74 -3.43
CA GLY B 267 2.26 10.15 -3.78
C GLY B 267 3.55 10.95 -3.77
N THR B 268 3.43 12.22 -3.39
CA THR B 268 4.57 13.12 -3.39
C THR B 268 4.70 13.89 -2.09
N LYS B 269 5.93 14.04 -1.62
CA LYS B 269 6.20 14.74 -0.37
C LYS B 269 7.18 15.89 -0.59
N ARG B 270 7.03 16.96 0.19
CA ARG B 270 7.95 18.08 0.11
C ARG B 270 9.10 17.72 1.02
N LEU B 271 10.31 18.06 0.61
CA LEU B 271 11.47 17.76 1.43
C LEU B 271 11.35 18.48 2.78
N ASP B 272 11.03 19.78 2.76
CA ASP B 272 10.93 20.53 4.01
C ASP B 272 9.83 20.03 4.94
N GLU B 273 9.13 18.98 4.53
CA GLU B 273 8.07 18.41 5.33
C GLU B 273 8.37 16.95 5.75
N LEU B 274 9.57 16.48 5.37
CA LEU B 274 9.98 15.12 5.69
C LEU B 274 10.80 15.01 6.95
N ASP B 275 10.38 14.15 7.88
CA ASP B 275 11.15 13.96 9.09
C ASP B 275 11.96 12.69 8.95
N TYR B 276 11.45 11.76 8.15
CA TYR B 276 12.14 10.50 7.88
C TYR B 276 11.96 10.12 6.42
N PHE B 277 12.89 9.33 5.90
CA PHE B 277 12.83 8.88 4.52
C PHE B 277 12.18 7.51 4.52
N PRO B 278 10.96 7.39 3.97
CA PRO B 278 10.26 6.10 3.91
C PRO B 278 10.77 5.31 2.71
N CYS B 279 12.08 5.10 2.68
CA CYS B 279 12.72 4.39 1.57
C CYS B 279 14.09 3.86 1.98
N SER B 280 14.59 2.86 1.28
CA SER B 280 15.90 2.29 1.61
C SER B 280 16.92 2.44 0.48
N CYS B 281 16.57 3.17 -0.58
CA CYS B 281 17.46 3.33 -1.73
C CYS B 281 18.85 3.87 -1.41
N PRO B 282 19.77 3.80 -2.38
CA PRO B 282 21.14 4.29 -2.18
C PRO B 282 21.21 5.66 -1.51
N VAL B 283 20.22 6.51 -1.80
CA VAL B 283 20.17 7.85 -1.22
C VAL B 283 19.59 7.87 0.19
N CYS B 284 18.35 7.40 0.32
CA CYS B 284 17.64 7.41 1.62
C CYS B 284 18.26 6.54 2.71
N SER B 285 18.84 5.42 2.32
CA SER B 285 19.46 4.53 3.30
C SER B 285 20.75 5.18 3.77
N LYS B 286 21.23 6.15 2.99
CA LYS B 286 22.47 6.84 3.30
C LYS B 286 22.31 8.18 4.01
N TYR B 287 21.34 8.99 3.59
CA TYR B 287 21.17 10.29 4.21
C TYR B 287 19.87 10.39 4.99
N THR B 288 19.74 11.49 5.71
CA THR B 288 18.55 11.78 6.49
C THR B 288 17.94 13.02 5.83
N PRO B 289 16.63 13.25 5.99
CA PRO B 289 16.02 14.43 5.37
C PRO B 289 16.77 15.73 5.66
N GLN B 290 17.11 15.97 6.92
CA GLN B 290 17.84 17.17 7.30
C GLN B 290 19.21 17.25 6.65
N GLU B 291 19.94 16.14 6.64
CA GLU B 291 21.26 16.13 6.01
C GLU B 291 21.14 16.57 4.57
N LEU B 292 20.01 16.23 3.97
CA LEU B 292 19.72 16.57 2.59
C LEU B 292 19.46 18.07 2.40
N ARG B 293 18.63 18.64 3.26
CA ARG B 293 18.27 20.05 3.16
C ARG B 293 19.45 21.02 3.27
N GLU B 294 20.53 20.57 3.89
CA GLU B 294 21.72 21.41 4.06
C GLU B 294 22.63 21.42 2.86
N MET B 295 22.54 20.39 2.04
CA MET B 295 23.38 20.30 0.86
C MET B 295 23.04 21.42 -0.12
N PRO B 296 23.95 21.72 -1.06
CA PRO B 296 23.69 22.78 -2.04
C PRO B 296 22.54 22.32 -2.93
N LYS B 297 21.82 23.26 -3.52
CA LYS B 297 20.69 22.92 -4.38
C LYS B 297 21.02 21.89 -5.46
N GLU B 298 22.18 22.01 -6.09
CA GLU B 298 22.57 21.08 -7.13
C GLU B 298 22.69 19.65 -6.63
N GLU B 299 23.29 19.47 -5.47
CA GLU B 299 23.45 18.13 -4.93
C GLU B 299 22.10 17.60 -4.48
N ARG B 300 21.31 18.49 -3.89
CA ARG B 300 19.98 18.13 -3.42
C ARG B 300 19.17 17.61 -4.61
N THR B 301 19.15 18.40 -5.69
CA THR B 301 18.43 18.05 -6.90
C THR B 301 18.86 16.70 -7.47
N ARG B 302 20.17 16.46 -7.45
CA ARG B 302 20.69 15.21 -7.97
C ARG B 302 20.25 14.00 -7.16
N LEU B 303 20.50 14.06 -5.86
CA LEU B 303 20.14 12.96 -4.97
C LEU B 303 18.63 12.69 -4.96
N LEU B 304 17.82 13.75 -5.02
CA LEU B 304 16.38 13.57 -5.02
C LEU B 304 15.98 12.92 -6.33
N ALA B 305 16.55 13.41 -7.44
CA ALA B 305 16.22 12.85 -8.74
C ALA B 305 16.52 11.35 -8.76
N LEU B 306 17.67 10.97 -8.22
CA LEU B 306 18.06 9.57 -8.19
C LEU B 306 17.09 8.77 -7.33
N HIS B 307 16.71 9.33 -6.19
CA HIS B 307 15.77 8.65 -5.31
C HIS B 307 14.49 8.38 -6.10
N ASN B 308 13.98 9.42 -6.75
CA ASN B 308 12.75 9.28 -7.52
C ASN B 308 12.92 8.14 -8.52
N LEU B 309 14.08 8.09 -9.17
CA LEU B 309 14.31 7.03 -10.15
C LEU B 309 14.30 5.65 -9.47
N TRP B 310 14.80 5.55 -8.25
CA TRP B 310 14.77 4.26 -7.58
C TRP B 310 13.36 3.85 -7.19
N VAL B 311 12.51 4.83 -6.87
CA VAL B 311 11.14 4.53 -6.49
C VAL B 311 10.41 4.03 -7.71
N ILE B 312 10.65 4.71 -8.83
CA ILE B 312 10.05 4.35 -10.09
C ILE B 312 10.46 2.92 -10.42
N LYS B 313 11.76 2.70 -10.53
CA LYS B 313 12.30 1.38 -10.83
C LYS B 313 11.74 0.32 -9.90
N GLU B 314 11.62 0.66 -8.62
CA GLU B 314 11.12 -0.26 -7.59
C GLU B 314 9.62 -0.60 -7.73
N GLU B 315 8.78 0.37 -8.03
CA GLU B 315 7.35 0.08 -8.21
C GLU B 315 7.16 -0.85 -9.40
N ILE B 316 7.90 -0.59 -10.47
CA ILE B 316 7.80 -1.42 -11.66
C ILE B 316 8.13 -2.87 -11.30
N LYS B 317 9.23 -3.07 -10.58
CA LYS B 317 9.57 -4.43 -10.21
C LYS B 317 8.47 -5.01 -9.32
N ARG B 318 7.85 -4.16 -8.51
CA ARG B 318 6.78 -4.60 -7.61
C ARG B 318 5.58 -5.04 -8.44
N VAL B 319 5.27 -4.26 -9.48
CA VAL B 319 4.15 -4.56 -10.35
C VAL B 319 4.42 -5.86 -11.13
N LYS B 320 5.65 -6.04 -11.60
CA LYS B 320 5.96 -7.24 -12.35
C LYS B 320 5.94 -8.48 -11.44
N GLN B 321 6.41 -8.34 -10.21
CA GLN B 321 6.40 -9.48 -9.29
C GLN B 321 4.96 -9.90 -8.98
N ALA B 322 4.08 -8.92 -8.84
CA ALA B 322 2.67 -9.18 -8.55
C ALA B 322 1.99 -9.89 -9.71
N ILE B 323 2.35 -9.51 -10.94
CA ILE B 323 1.76 -10.13 -12.13
C ILE B 323 2.20 -11.59 -12.17
N LYS B 324 3.49 -11.83 -11.96
CA LYS B 324 4.01 -13.19 -11.95
C LYS B 324 3.30 -14.03 -10.89
N GLU B 325 2.91 -13.40 -9.79
CA GLU B 325 2.25 -14.13 -8.70
C GLU B 325 0.73 -14.18 -8.86
N GLY B 326 0.20 -13.41 -9.80
CA GLY B 326 -1.24 -13.38 -10.00
C GLY B 326 -1.92 -12.56 -8.93
N GLU B 327 -1.22 -11.55 -8.41
CA GLU B 327 -1.73 -10.70 -7.35
C GLU B 327 -1.78 -9.23 -7.74
N LEU B 328 -1.87 -8.93 -9.03
CA LEU B 328 -1.91 -7.53 -9.47
C LEU B 328 -3.08 -6.75 -8.85
N TRP B 329 -4.29 -7.31 -8.92
CA TRP B 329 -5.45 -6.64 -8.36
C TRP B 329 -5.25 -6.30 -6.88
N ARG B 330 -4.65 -7.24 -6.15
CA ARG B 330 -4.41 -7.02 -4.73
C ARG B 330 -3.50 -5.80 -4.54
N LEU B 331 -2.59 -5.57 -5.48
CA LEU B 331 -1.70 -4.42 -5.42
C LEU B 331 -2.45 -3.14 -5.82
N VAL B 332 -3.26 -3.23 -6.86
CA VAL B 332 -4.03 -2.09 -7.31
C VAL B 332 -4.85 -1.61 -6.13
N ASP B 333 -5.48 -2.56 -5.44
CA ASP B 333 -6.32 -2.27 -4.30
C ASP B 333 -5.50 -1.54 -3.24
N GLU B 334 -4.35 -2.11 -2.87
CA GLU B 334 -3.49 -1.49 -1.88
C GLU B 334 -3.17 -0.07 -2.32
N ARG B 335 -2.78 0.07 -3.57
CA ARG B 335 -2.43 1.38 -4.11
C ARG B 335 -3.62 2.34 -4.22
N ALA B 336 -4.82 1.82 -4.42
CA ALA B 336 -6.00 2.67 -4.52
C ALA B 336 -6.17 3.53 -3.27
N ARG B 337 -5.60 3.12 -2.15
CA ARG B 337 -5.75 3.87 -0.91
C ARG B 337 -4.79 5.05 -0.78
N SER B 338 -4.02 5.35 -1.82
CA SER B 338 -3.09 6.47 -1.71
C SER B 338 -3.78 7.82 -1.79
N HIS B 339 -4.89 7.88 -2.50
CA HIS B 339 -5.57 9.15 -2.69
C HIS B 339 -7.03 8.96 -3.06
N PRO B 340 -7.91 9.87 -2.62
CA PRO B 340 -9.36 9.77 -2.92
C PRO B 340 -9.63 9.67 -4.42
N LYS B 341 -8.86 10.41 -5.21
CA LYS B 341 -9.01 10.42 -6.66
C LYS B 341 -8.57 9.10 -7.28
N LEU B 342 -7.59 8.44 -6.66
CA LEU B 342 -7.11 7.17 -7.19
C LEU B 342 -8.12 6.09 -6.85
N TYR B 343 -8.71 6.20 -5.67
CA TYR B 343 -9.72 5.25 -5.19
C TYR B 343 -10.95 5.33 -6.11
N SER B 344 -11.32 6.54 -6.49
CA SER B 344 -12.44 6.78 -7.37
C SER B 344 -12.19 6.10 -8.74
N ALA B 345 -10.96 6.22 -9.21
CA ALA B 345 -10.55 5.64 -10.49
C ALA B 345 -10.52 4.12 -10.44
N TYR B 346 -10.08 3.58 -9.30
CA TYR B 346 -10.01 2.14 -9.12
C TYR B 346 -11.41 1.54 -9.20
N LYS B 347 -12.37 2.17 -8.52
CA LYS B 347 -13.74 1.67 -8.52
C LYS B 347 -14.34 1.78 -9.91
N ARG B 348 -13.99 2.85 -10.63
CA ARG B 348 -14.49 3.06 -11.97
C ARG B 348 -13.93 1.98 -12.90
N LEU B 349 -12.66 1.69 -12.75
CA LEU B 349 -12.00 0.68 -13.56
C LEU B 349 -12.72 -0.66 -13.43
N LEU B 350 -13.19 -0.98 -12.23
CA LEU B 350 -13.89 -2.23 -12.01
C LEU B 350 -15.31 -2.23 -12.63
N GLU B 351 -15.80 -1.05 -12.99
CA GLU B 351 -17.11 -0.97 -13.61
C GLU B 351 -17.01 -1.51 -15.04
N HIS B 352 -15.81 -1.42 -15.62
CA HIS B 352 -15.55 -1.90 -16.98
C HIS B 352 -15.31 -3.39 -17.00
N TYR B 353 -16.28 -4.14 -16.48
CA TYR B 353 -16.18 -5.59 -16.42
C TYR B 353 -15.95 -6.27 -17.76
N THR B 354 -16.74 -5.89 -18.77
CA THR B 354 -16.63 -6.53 -20.07
C THR B 354 -15.23 -6.49 -20.66
N PHE B 355 -14.62 -5.32 -20.67
CA PHE B 355 -13.27 -5.17 -21.19
C PHE B 355 -12.27 -6.03 -20.41
N LEU B 356 -12.30 -5.92 -19.08
CA LEU B 356 -11.38 -6.66 -18.22
C LEU B 356 -11.51 -8.16 -18.24
N GLU B 357 -12.74 -8.63 -18.25
CA GLU B 357 -13.01 -10.07 -18.24
C GLU B 357 -12.45 -10.77 -19.47
N GLU B 358 -12.39 -10.08 -20.60
CA GLU B 358 -11.88 -10.68 -21.82
C GLU B 358 -10.42 -11.08 -21.75
N PHE B 359 -9.63 -10.33 -20.97
CA PHE B 359 -8.22 -10.64 -20.87
C PHE B 359 -7.84 -11.35 -19.59
N GLU B 360 -8.78 -11.38 -18.65
CA GLU B 360 -8.56 -12.00 -17.36
C GLU B 360 -8.36 -13.50 -17.47
N PRO B 361 -7.21 -14.01 -16.99
CA PRO B 361 -6.89 -15.46 -17.02
C PRO B 361 -7.98 -16.29 -16.33
N ILE B 362 -8.08 -17.56 -16.71
CA ILE B 362 -9.11 -18.44 -16.16
C ILE B 362 -8.70 -19.10 -14.84
N THR B 363 -7.41 -19.35 -14.67
CA THR B 363 -6.89 -19.97 -13.46
C THR B 363 -5.65 -19.21 -13.03
N LYS B 364 -5.39 -19.20 -11.72
CA LYS B 364 -4.22 -18.53 -11.16
C LYS B 364 -3.58 -19.33 -10.05
N LYS B 365 -2.30 -19.08 -9.83
CA LYS B 365 -1.58 -19.76 -8.78
C LYS B 365 -2.03 -19.23 -7.42
N SER B 366 -2.12 -17.90 -7.33
CA SER B 366 -2.54 -17.23 -6.10
C SER B 366 -4.00 -17.44 -5.71
N ALA B 367 -4.27 -17.45 -4.41
CA ALA B 367 -5.62 -17.63 -3.90
C ALA B 367 -6.39 -16.31 -3.95
N LEU B 368 -7.72 -16.41 -4.07
CA LEU B 368 -8.57 -15.23 -4.13
C LEU B 368 -8.75 -14.67 -2.72
N PHE B 369 -8.23 -13.47 -2.49
CA PHE B 369 -8.31 -12.79 -1.19
C PHE B 369 -9.42 -11.74 -1.11
N LYS B 370 -10.25 -11.83 -0.08
CA LYS B 370 -11.30 -10.82 0.11
C LYS B 370 -10.63 -9.80 1.05
N ILE B 371 -10.04 -8.77 0.46
CA ILE B 371 -9.35 -7.74 1.24
C ILE B 371 -10.03 -6.39 1.22
N SER B 372 -11.20 -6.33 0.60
CA SER B 372 -11.92 -5.06 0.55
C SER B 372 -13.29 -5.26 -0.04
N ASN B 373 -14.04 -4.16 -0.14
CA ASN B 373 -15.36 -4.21 -0.72
C ASN B 373 -15.21 -4.37 -2.23
N GLU B 374 -14.30 -3.58 -2.80
CA GLU B 374 -14.05 -3.62 -4.24
C GLU B 374 -13.55 -5.00 -4.67
N SER B 375 -12.95 -5.71 -3.73
CA SER B 375 -12.41 -7.03 -3.99
C SER B 375 -13.50 -7.96 -4.54
N LEU B 376 -14.73 -7.71 -4.11
CA LEU B 376 -15.87 -8.52 -4.55
C LEU B 376 -16.26 -8.26 -6.00
N ARG B 377 -15.86 -7.12 -6.54
CA ARG B 377 -16.16 -6.76 -7.92
C ARG B 377 -15.03 -7.10 -8.90
N TRP B 378 -14.01 -7.80 -8.44
CA TRP B 378 -12.91 -8.17 -9.33
C TRP B 378 -13.42 -9.06 -10.48
N PRO B 379 -12.79 -8.96 -11.66
CA PRO B 379 -13.19 -9.75 -12.82
C PRO B 379 -13.41 -11.23 -12.54
N VAL B 380 -12.45 -11.88 -11.89
CA VAL B 380 -12.58 -13.30 -11.59
C VAL B 380 -13.82 -13.61 -10.75
N VAL B 381 -14.18 -12.72 -9.82
CA VAL B 381 -15.34 -12.95 -8.95
C VAL B 381 -16.67 -12.85 -9.71
N ARG B 382 -16.82 -11.79 -10.51
CA ARG B 382 -18.03 -11.60 -11.28
C ARG B 382 -18.17 -12.70 -12.34
N ARG B 383 -17.06 -13.15 -12.89
CA ARG B 383 -17.11 -14.20 -13.89
C ARG B 383 -17.57 -15.50 -13.25
N ALA B 384 -16.99 -15.81 -12.09
CA ALA B 384 -17.35 -17.04 -11.39
C ALA B 384 -18.81 -17.03 -10.98
N LYS B 385 -19.29 -15.91 -10.44
CA LYS B 385 -20.69 -15.82 -10.05
C LYS B 385 -21.56 -16.23 -11.24
N GLU B 386 -21.54 -15.41 -12.29
CA GLU B 386 -22.32 -15.65 -13.49
C GLU B 386 -22.28 -17.10 -13.97
N ARG B 387 -21.09 -17.60 -14.28
CA ARG B 387 -20.96 -18.97 -14.75
C ARG B 387 -21.60 -20.01 -13.84
N ALA B 388 -21.35 -19.90 -12.54
CA ALA B 388 -21.89 -20.86 -11.59
C ALA B 388 -23.42 -20.85 -11.45
N LYS B 389 -24.07 -19.74 -11.77
CA LYS B 389 -25.53 -19.67 -11.64
C LYS B 389 -26.24 -20.91 -12.17
N SER B 390 -25.89 -21.34 -13.38
CA SER B 390 -26.52 -22.51 -13.98
C SER B 390 -26.21 -23.79 -13.21
N ILE B 391 -24.98 -23.93 -12.74
CA ILE B 391 -24.61 -25.13 -12.00
C ILE B 391 -25.41 -25.21 -10.69
N ASN B 392 -25.59 -24.06 -10.04
CA ASN B 392 -26.34 -24.04 -8.80
C ASN B 392 -27.81 -24.40 -9.05
N GLU B 393 -28.29 -24.06 -10.24
CA GLU B 393 -29.66 -24.33 -10.60
C GLU B 393 -29.92 -25.82 -10.80
N ARG B 394 -28.92 -26.55 -11.28
CA ARG B 394 -29.07 -27.97 -11.52
C ARG B 394 -28.57 -28.83 -10.38
N PHE B 395 -27.27 -29.07 -10.36
CA PHE B 395 -26.63 -29.88 -9.34
C PHE B 395 -26.91 -29.49 -7.89
N GLY B 396 -27.62 -28.39 -7.68
CA GLY B 396 -27.94 -27.95 -6.32
C GLY B 396 -26.84 -28.12 -5.29
N GLU B 397 -27.20 -28.64 -4.11
CA GLU B 397 -26.26 -28.84 -3.01
C GLU B 397 -25.52 -27.54 -2.68
N LEU B 398 -26.27 -26.46 -2.49
CA LEU B 398 -25.66 -25.17 -2.20
C LEU B 398 -25.02 -25.08 -0.82
N VAL B 399 -23.70 -24.94 -0.81
CA VAL B 399 -22.94 -24.81 0.42
C VAL B 399 -22.56 -23.34 0.60
N GLU B 400 -22.27 -22.94 1.85
CA GLU B 400 -21.92 -21.56 2.16
C GLU B 400 -20.51 -21.22 1.68
N HIS B 401 -20.34 -19.99 1.21
CA HIS B 401 -19.04 -19.51 0.75
C HIS B 401 -18.86 -18.06 1.19
N PRO B 402 -17.70 -17.75 1.80
CA PRO B 402 -17.38 -16.41 2.29
C PRO B 402 -17.52 -15.29 1.26
N ILE B 403 -17.09 -15.56 0.02
CA ILE B 403 -17.15 -14.54 -1.02
C ILE B 403 -18.36 -14.58 -1.93
N PHE B 404 -18.77 -15.76 -2.37
CA PHE B 404 -19.93 -15.86 -3.26
C PHE B 404 -21.19 -16.24 -2.48
N GLY B 405 -21.05 -16.36 -1.16
CA GLY B 405 -22.19 -16.69 -0.31
C GLY B 405 -22.67 -18.13 -0.40
N ARG B 406 -23.26 -18.47 -1.54
CA ARG B 406 -23.79 -19.80 -1.78
C ARG B 406 -23.30 -20.32 -3.12
N VAL B 407 -22.88 -21.58 -3.14
CA VAL B 407 -22.40 -22.19 -4.37
C VAL B 407 -22.51 -23.70 -4.26
N SER B 408 -22.91 -24.34 -5.36
CA SER B 408 -23.05 -25.79 -5.38
C SER B 408 -21.76 -26.42 -4.88
N ARG B 409 -21.89 -27.45 -4.06
CA ARG B 409 -20.74 -28.13 -3.49
C ARG B 409 -19.85 -28.74 -4.58
N TYR B 410 -20.42 -28.97 -5.75
CA TYR B 410 -19.67 -29.57 -6.86
C TYR B 410 -18.60 -28.67 -7.47
N LEU B 411 -18.63 -27.39 -7.12
CA LEU B 411 -17.64 -26.46 -7.62
C LEU B 411 -16.70 -26.03 -6.50
N SER B 412 -17.01 -26.46 -5.27
CA SER B 412 -16.21 -26.13 -4.10
C SER B 412 -14.77 -26.60 -4.18
N LEU B 413 -14.47 -27.43 -5.18
CA LEU B 413 -13.12 -27.95 -5.35
C LEU B 413 -12.39 -27.16 -6.43
N THR B 414 -13.12 -26.32 -7.15
CA THR B 414 -12.49 -25.60 -8.24
C THR B 414 -12.33 -24.09 -8.04
N TYR B 415 -11.32 -23.57 -8.71
CA TYR B 415 -10.99 -22.15 -8.68
C TYR B 415 -12.18 -21.34 -9.18
N PRO B 416 -12.43 -20.17 -8.57
CA PRO B 416 -11.64 -19.62 -7.47
C PRO B 416 -12.25 -19.90 -6.09
N PHE B 417 -13.30 -20.71 -6.07
CA PHE B 417 -14.01 -21.03 -4.83
C PHE B 417 -13.21 -21.71 -3.72
N ALA B 418 -12.57 -22.82 -4.07
CA ALA B 418 -11.79 -23.61 -3.10
C ALA B 418 -10.71 -22.90 -2.28
N GLN B 419 -9.68 -22.39 -2.95
CA GLN B 419 -8.57 -21.71 -2.28
C GLN B 419 -8.96 -20.40 -1.59
N SER B 420 -9.98 -19.74 -2.13
CA SER B 420 -10.48 -18.47 -1.62
C SER B 420 -10.37 -18.29 -0.10
N GLU B 421 -10.08 -17.08 0.35
CA GLU B 421 -9.99 -16.77 1.78
C GLU B 421 -10.48 -15.36 2.10
N ALA B 422 -11.32 -15.25 3.11
CA ALA B 422 -11.86 -13.97 3.55
C ALA B 422 -11.64 -13.81 5.04
N GLU B 423 -12.52 -13.05 5.69
CA GLU B 423 -12.42 -12.84 7.13
C GLU B 423 -12.43 -14.17 7.87
N ASP B 424 -13.06 -15.17 7.26
CA ASP B 424 -13.13 -16.52 7.83
C ASP B 424 -12.91 -17.52 6.69
N ASP B 425 -12.14 -18.56 6.95
CA ASP B 425 -11.84 -19.58 5.93
C ASP B 425 -13.05 -20.37 5.44
N PHE B 426 -12.94 -20.88 4.22
CA PHE B 426 -13.99 -21.67 3.57
C PHE B 426 -13.52 -23.12 3.54
N LYS B 427 -14.36 -24.03 4.03
CA LYS B 427 -13.99 -25.44 4.04
C LYS B 427 -14.56 -26.19 2.84
N ILE B 428 -13.68 -26.93 2.17
CA ILE B 428 -14.02 -27.70 0.98
C ILE B 428 -14.84 -28.96 1.25
N GLU B 429 -15.69 -29.30 0.30
CA GLU B 429 -16.55 -30.48 0.37
C GLU B 429 -16.01 -31.59 -0.52
N LYS B 430 -15.39 -32.60 0.08
CA LYS B 430 -14.86 -33.71 -0.69
C LYS B 430 -15.99 -34.61 -1.20
N PRO B 431 -15.86 -35.10 -2.43
CA PRO B 431 -16.85 -35.98 -3.07
C PRO B 431 -16.96 -37.36 -2.47
N THR B 432 -18.08 -38.01 -2.76
CA THR B 432 -18.35 -39.37 -2.33
C THR B 432 -18.17 -40.15 -3.63
N LYS B 433 -17.84 -41.44 -3.55
CA LYS B 433 -17.67 -42.21 -4.78
C LYS B 433 -18.91 -42.13 -5.68
N GLU B 434 -20.00 -41.60 -5.13
CA GLU B 434 -21.24 -41.47 -5.89
C GLU B 434 -21.44 -40.08 -6.46
N ASP B 435 -20.99 -39.06 -5.73
CA ASP B 435 -21.09 -37.69 -6.19
C ASP B 435 -19.97 -37.38 -7.18
N ALA B 436 -18.91 -38.18 -7.12
CA ALA B 436 -17.75 -38.01 -7.98
C ALA B 436 -18.08 -37.51 -9.39
N ILE B 437 -18.94 -38.23 -10.10
CA ILE B 437 -19.30 -37.83 -11.45
C ILE B 437 -19.92 -36.43 -11.49
N LYS B 438 -20.85 -36.18 -10.58
CA LYS B 438 -21.51 -34.88 -10.52
C LYS B 438 -20.51 -33.71 -10.51
N TYR B 439 -19.37 -33.90 -9.87
CA TYR B 439 -18.35 -32.87 -9.80
C TYR B 439 -17.75 -32.62 -11.19
N VAL B 440 -17.30 -33.71 -11.83
CA VAL B 440 -16.71 -33.62 -13.15
C VAL B 440 -17.66 -32.94 -14.13
N MET B 441 -18.94 -33.20 -13.96
CA MET B 441 -19.95 -32.61 -14.84
C MET B 441 -20.17 -31.13 -14.54
N ALA B 442 -20.33 -30.79 -13.27
CA ALA B 442 -20.53 -29.39 -12.88
C ALA B 442 -19.33 -28.56 -13.34
N ILE B 443 -18.14 -29.10 -13.12
CA ILE B 443 -16.92 -28.42 -13.51
C ILE B 443 -16.90 -28.19 -15.02
N ALA B 444 -17.19 -29.24 -15.78
CA ALA B 444 -17.23 -29.16 -17.23
C ALA B 444 -18.18 -28.06 -17.69
N GLU B 445 -19.40 -28.07 -17.15
CA GLU B 445 -20.40 -27.09 -17.51
C GLU B 445 -19.88 -25.68 -17.20
N TYR B 446 -19.21 -25.57 -16.06
CA TYR B 446 -18.64 -24.31 -15.59
C TYR B 446 -17.41 -23.87 -16.40
N GLN B 447 -16.55 -24.83 -16.72
CA GLN B 447 -15.32 -24.55 -17.44
C GLN B 447 -15.44 -24.43 -18.96
N PHE B 448 -16.32 -25.23 -19.56
CA PHE B 448 -16.49 -25.24 -21.00
C PHE B 448 -17.79 -24.62 -21.50
N GLY B 449 -18.66 -24.22 -20.57
CA GLY B 449 -19.92 -23.64 -20.98
C GLY B 449 -21.03 -24.67 -21.02
N GLU B 450 -22.25 -24.17 -21.20
CA GLU B 450 -23.45 -25.00 -21.25
C GLU B 450 -23.36 -26.20 -22.19
N GLY B 451 -23.88 -27.33 -21.72
CA GLY B 451 -23.89 -28.55 -22.50
C GLY B 451 -22.65 -29.41 -22.39
N ALA B 452 -21.51 -28.79 -22.09
CA ALA B 452 -20.25 -29.53 -21.99
C ALA B 452 -20.33 -30.85 -21.21
N SER B 453 -21.15 -30.89 -20.15
CA SER B 453 -21.26 -32.09 -19.33
C SER B 453 -21.56 -33.35 -20.14
N ARG B 454 -22.34 -33.21 -21.20
CA ARG B 454 -22.70 -34.35 -22.05
C ARG B 454 -21.50 -35.10 -22.60
N ALA B 455 -20.30 -34.58 -22.38
CA ALA B 455 -19.11 -35.26 -22.87
C ALA B 455 -18.49 -36.16 -21.80
N PHE B 456 -19.08 -36.16 -20.60
CA PHE B 456 -18.54 -36.95 -19.49
C PHE B 456 -19.51 -37.81 -18.68
N ASP B 457 -20.82 -37.66 -18.90
CA ASP B 457 -21.83 -38.44 -18.16
C ASP B 457 -21.47 -39.91 -17.92
N ASP B 458 -21.18 -40.61 -19.02
CA ASP B 458 -20.84 -42.03 -18.98
C ASP B 458 -19.38 -42.30 -18.62
N ALA B 459 -18.86 -41.58 -17.63
CA ALA B 459 -17.47 -41.77 -17.23
C ALA B 459 -17.35 -42.09 -15.74
N LYS B 460 -16.22 -42.70 -15.38
CA LYS B 460 -15.96 -43.06 -13.99
C LYS B 460 -14.84 -42.15 -13.48
N VAL B 461 -15.03 -41.58 -12.31
CA VAL B 461 -14.04 -40.69 -11.71
C VAL B 461 -13.27 -41.47 -10.66
N GLU B 462 -11.97 -41.66 -10.89
CA GLU B 462 -11.14 -42.40 -9.94
C GLU B 462 -10.49 -41.46 -8.93
N LEU B 463 -10.91 -41.59 -7.67
CA LEU B 463 -10.41 -40.78 -6.57
C LEU B 463 -8.99 -41.18 -6.17
N SER B 464 -8.24 -40.25 -5.59
CA SER B 464 -6.86 -40.49 -5.17
C SER B 464 -6.74 -40.91 -3.71
N LYS B 465 -5.49 -40.92 -3.22
CA LYS B 465 -5.21 -41.28 -1.83
C LYS B 465 -6.15 -40.49 -0.90
N THR B 466 -6.57 -39.32 -1.37
CA THR B 466 -7.49 -38.46 -0.64
C THR B 466 -8.80 -38.48 -1.44
N GLY B 467 -9.92 -38.19 -0.79
CA GLY B 467 -11.20 -38.20 -1.50
C GLY B 467 -11.30 -37.19 -2.63
N MET B 468 -10.21 -37.01 -3.38
CA MET B 468 -10.15 -36.05 -4.47
C MET B 468 -10.25 -36.69 -5.85
N PRO B 469 -11.05 -36.09 -6.75
CA PRO B 469 -11.23 -36.61 -8.11
C PRO B 469 -10.04 -36.27 -8.99
N ARG B 470 -9.57 -37.25 -9.77
CA ARG B 470 -8.45 -37.02 -10.66
C ARG B 470 -8.78 -37.48 -12.08
N GLN B 471 -8.20 -38.60 -12.49
CA GLN B 471 -8.43 -39.09 -13.84
C GLN B 471 -9.87 -39.49 -14.13
N VAL B 472 -10.37 -39.01 -15.28
CA VAL B 472 -11.72 -39.32 -15.75
C VAL B 472 -11.56 -40.27 -16.92
N LYS B 473 -12.15 -41.46 -16.82
CA LYS B 473 -12.02 -42.44 -17.89
C LYS B 473 -13.34 -43.05 -18.35
N VAL B 474 -13.32 -43.61 -19.55
CA VAL B 474 -14.48 -44.27 -20.14
C VAL B 474 -14.02 -45.46 -20.98
N ASN B 475 -14.53 -46.64 -20.65
CA ASN B 475 -14.20 -47.87 -21.36
C ASN B 475 -12.74 -48.27 -21.24
N GLY B 476 -11.91 -47.35 -20.74
CA GLY B 476 -10.51 -47.63 -20.60
C GLY B 476 -9.65 -46.47 -21.06
N LYS B 477 -10.28 -45.51 -21.71
CA LYS B 477 -9.56 -44.33 -22.18
C LYS B 477 -9.79 -43.16 -21.23
N ARG B 478 -8.70 -42.49 -20.88
CA ARG B 478 -8.75 -41.36 -19.97
C ARG B 478 -9.15 -40.08 -20.71
N LEU B 479 -10.37 -39.61 -20.46
CA LEU B 479 -10.85 -38.40 -21.10
C LEU B 479 -10.03 -37.20 -20.64
N ALA B 480 -10.13 -36.89 -19.35
CA ALA B 480 -9.41 -35.78 -18.77
C ALA B 480 -9.01 -36.10 -17.33
N THR B 481 -8.46 -35.10 -16.65
CA THR B 481 -8.04 -35.28 -15.27
C THR B 481 -8.21 -33.98 -14.50
N VAL B 482 -9.00 -34.02 -13.44
CA VAL B 482 -9.21 -32.85 -12.61
C VAL B 482 -7.88 -32.49 -11.95
N ARG B 483 -7.39 -31.28 -12.22
CA ARG B 483 -6.12 -30.83 -11.65
C ARG B 483 -6.24 -30.67 -10.14
N ALA B 484 -5.14 -30.93 -9.45
CA ALA B 484 -5.10 -30.82 -8.01
C ALA B 484 -5.07 -29.36 -7.59
N ASP B 485 -4.32 -28.55 -8.33
CA ASP B 485 -4.17 -27.13 -8.04
C ASP B 485 -5.39 -26.24 -8.23
N ASP B 486 -6.06 -26.32 -9.38
CA ASP B 486 -7.22 -25.46 -9.61
C ASP B 486 -8.57 -26.16 -9.68
N GLY B 487 -8.57 -27.49 -9.64
CA GLY B 487 -9.82 -28.20 -9.70
C GLY B 487 -10.48 -28.06 -11.06
N LEU B 488 -9.67 -27.70 -12.06
CA LEU B 488 -10.16 -27.55 -13.43
C LEU B 488 -9.67 -28.75 -14.24
N LEU B 489 -10.45 -29.13 -15.25
CA LEU B 489 -10.11 -30.27 -16.10
C LEU B 489 -9.03 -30.03 -17.14
N THR B 490 -8.11 -30.98 -17.23
CA THR B 490 -7.05 -30.93 -18.22
C THR B 490 -7.48 -32.01 -19.19
N LEU B 491 -7.76 -31.61 -20.43
CA LEU B 491 -8.25 -32.55 -21.42
C LEU B 491 -7.23 -33.53 -21.98
N GLY B 492 -7.76 -34.67 -22.39
CA GLY B 492 -6.96 -35.70 -23.02
C GLY B 492 -7.54 -35.78 -24.43
N ILE B 493 -6.72 -36.13 -25.40
CA ILE B 493 -7.20 -36.22 -26.77
C ILE B 493 -8.60 -36.79 -26.90
N GLU B 494 -8.92 -37.80 -26.10
CA GLU B 494 -10.24 -38.42 -26.14
C GLU B 494 -11.33 -37.48 -25.64
N GLY B 495 -11.02 -36.73 -24.59
CA GLY B 495 -11.99 -35.79 -24.06
C GLY B 495 -12.19 -34.71 -25.10
N ALA B 496 -11.10 -34.31 -25.74
CA ALA B 496 -11.13 -33.29 -26.78
C ALA B 496 -12.13 -33.69 -27.84
N LYS B 497 -11.99 -34.91 -28.35
CA LYS B 497 -12.88 -35.44 -29.39
C LYS B 497 -14.34 -35.31 -28.99
N ARG B 498 -14.67 -35.84 -27.81
CA ARG B 498 -16.03 -35.80 -27.33
C ARG B 498 -16.57 -34.38 -27.23
N LEU B 499 -15.76 -33.46 -26.73
CA LEU B 499 -16.19 -32.08 -26.62
C LEU B 499 -16.38 -31.49 -28.02
N HIS B 500 -15.56 -31.96 -28.95
CA HIS B 500 -15.60 -31.49 -30.33
C HIS B 500 -16.94 -31.73 -31.00
N ARG B 501 -17.59 -32.85 -30.68
CA ARG B 501 -18.88 -33.16 -31.29
C ARG B 501 -20.07 -32.66 -30.48
N VAL B 502 -19.87 -32.54 -29.16
CA VAL B 502 -20.94 -32.07 -28.29
C VAL B 502 -21.12 -30.55 -28.39
N LEU B 503 -20.01 -29.83 -28.51
CA LEU B 503 -20.09 -28.39 -28.60
C LEU B 503 -20.00 -27.89 -30.05
N PRO B 504 -20.93 -27.00 -30.43
CA PRO B 504 -21.01 -26.41 -31.78
C PRO B 504 -19.83 -25.51 -32.10
N TYR B 505 -19.33 -25.61 -33.33
CA TYR B 505 -18.25 -24.77 -33.78
C TYR B 505 -18.82 -23.35 -33.56
N PRO B 506 -17.97 -22.38 -33.21
CA PRO B 506 -16.52 -22.42 -33.00
C PRO B 506 -16.08 -22.68 -31.54
N ARG B 507 -17.01 -23.03 -30.67
CA ARG B 507 -16.69 -23.27 -29.26
C ARG B 507 -15.39 -24.03 -28.99
N MET B 508 -14.51 -23.41 -28.21
CA MET B 508 -13.21 -23.98 -27.83
C MET B 508 -12.22 -24.14 -28.98
N ARG B 509 -12.59 -23.67 -30.15
CA ARG B 509 -11.71 -23.83 -31.29
C ARG B 509 -10.68 -22.76 -31.55
N VAL B 510 -9.53 -23.21 -32.04
CA VAL B 510 -8.44 -22.35 -32.44
C VAL B 510 -8.16 -22.95 -33.82
N VAL B 511 -8.35 -22.17 -34.88
CA VAL B 511 -8.15 -22.64 -36.25
C VAL B 511 -6.79 -22.27 -36.81
N VAL B 512 -6.03 -23.28 -37.20
CA VAL B 512 -4.68 -23.07 -37.73
C VAL B 512 -4.53 -23.18 -39.26
N ASN B 513 -3.40 -22.68 -39.75
CA ASN B 513 -3.04 -22.70 -41.16
C ASN B 513 -2.98 -24.10 -41.67
N LYS B 514 -2.84 -24.22 -42.99
CA LYS B 514 -2.74 -25.52 -43.63
C LYS B 514 -1.28 -25.94 -43.39
N GLU B 515 -0.42 -24.94 -43.33
CA GLU B 515 1.01 -25.14 -43.11
C GLU B 515 1.31 -25.56 -41.68
N ALA B 516 0.42 -25.18 -40.76
CA ALA B 516 0.60 -25.51 -39.35
C ALA B 516 -0.05 -26.84 -39.00
N GLU B 517 -1.04 -27.22 -39.80
CA GLU B 517 -1.78 -28.46 -39.60
C GLU B 517 -0.96 -29.70 -39.26
N PRO B 518 0.17 -29.91 -39.97
CA PRO B 518 1.01 -31.08 -39.70
C PRO B 518 1.57 -31.10 -38.29
N PHE B 519 2.20 -30.00 -37.89
CA PHE B 519 2.80 -29.89 -36.56
C PHE B 519 1.75 -30.13 -35.48
N ALA B 520 0.63 -29.41 -35.57
CA ALA B 520 -0.44 -29.57 -34.60
C ALA B 520 -0.81 -31.05 -34.49
N ARG B 521 -1.00 -31.70 -35.63
CA ARG B 521 -1.34 -33.12 -35.64
C ARG B 521 -0.23 -33.90 -34.96
N LYS B 522 1.00 -33.46 -35.20
CA LYS B 522 2.20 -34.09 -34.65
C LYS B 522 2.28 -33.89 -33.14
N GLY B 523 1.71 -32.80 -32.66
CA GLY B 523 1.73 -32.50 -31.24
C GLY B 523 2.43 -31.20 -30.87
N LYS B 524 3.16 -30.61 -31.83
CA LYS B 524 3.87 -29.36 -31.59
C LYS B 524 2.94 -28.23 -31.17
N ASP B 525 3.50 -27.24 -30.49
CA ASP B 525 2.69 -26.11 -30.04
C ASP B 525 2.24 -25.24 -31.20
N VAL B 526 1.09 -24.61 -31.01
CA VAL B 526 0.53 -23.72 -32.01
C VAL B 526 1.04 -22.30 -31.79
N PHE B 527 1.68 -21.74 -32.81
CA PHE B 527 2.16 -20.37 -32.69
C PHE B 527 1.09 -19.42 -33.22
N ALA B 528 1.01 -18.24 -32.62
CA ALA B 528 0.01 -17.25 -33.01
C ALA B 528 -0.09 -16.93 -34.50
N LYS B 529 1.02 -16.56 -35.12
CA LYS B 529 1.00 -16.20 -36.54
C LYS B 529 0.28 -17.21 -37.44
N PHE B 530 0.28 -18.49 -37.05
CA PHE B 530 -0.39 -19.53 -37.83
C PHE B 530 -1.86 -19.71 -37.49
N VAL B 531 -2.37 -18.93 -36.55
CA VAL B 531 -3.78 -19.03 -36.19
C VAL B 531 -4.57 -18.06 -37.06
N ILE B 532 -5.55 -18.58 -37.79
CA ILE B 532 -6.38 -17.74 -38.64
C ILE B 532 -7.64 -17.29 -37.94
N PHE B 533 -8.13 -18.09 -37.00
CA PHE B 533 -9.32 -17.72 -36.26
C PHE B 533 -9.47 -18.52 -34.98
N ALA B 534 -10.07 -17.90 -33.97
CA ALA B 534 -10.27 -18.60 -32.71
C ALA B 534 -11.55 -18.18 -32.01
N ASP B 535 -12.06 -19.07 -31.18
CA ASP B 535 -13.28 -18.84 -30.38
C ASP B 535 -13.12 -17.58 -29.53
N PRO B 536 -13.95 -16.56 -29.78
CA PRO B 536 -13.91 -15.31 -29.03
C PRO B 536 -14.02 -15.56 -27.53
N GLY B 537 -14.67 -16.68 -27.18
CA GLY B 537 -14.88 -17.02 -25.79
C GLY B 537 -13.67 -17.58 -25.08
N ILE B 538 -12.65 -18.00 -25.85
CA ILE B 538 -11.43 -18.54 -25.25
C ILE B 538 -10.72 -17.48 -24.38
N ARG B 539 -10.32 -17.89 -23.18
CA ARG B 539 -9.63 -17.00 -22.25
C ARG B 539 -8.27 -17.62 -22.00
N PRO B 540 -7.30 -16.82 -21.55
CA PRO B 540 -5.95 -17.34 -21.29
C PRO B 540 -6.01 -18.53 -20.34
N TYR B 541 -5.30 -19.58 -20.73
CA TYR B 541 -5.20 -20.83 -19.98
C TYR B 541 -6.38 -21.78 -20.09
N ASP B 542 -7.33 -21.44 -20.97
CA ASP B 542 -8.48 -22.31 -21.21
C ASP B 542 -7.95 -23.52 -21.96
N GLU B 543 -8.71 -24.61 -21.95
CA GLU B 543 -8.33 -25.80 -22.69
C GLU B 543 -8.90 -25.52 -24.09
N VAL B 544 -8.10 -25.73 -25.13
CA VAL B 544 -8.60 -25.45 -26.47
C VAL B 544 -8.49 -26.63 -27.45
N LEU B 545 -9.37 -26.63 -28.44
CA LEU B 545 -9.42 -27.65 -29.47
C LEU B 545 -8.70 -27.15 -30.73
N VAL B 546 -7.47 -27.62 -30.95
CA VAL B 546 -6.70 -27.20 -32.12
C VAL B 546 -7.32 -27.85 -33.35
N VAL B 547 -7.97 -27.05 -34.18
CA VAL B 547 -8.64 -27.58 -35.35
C VAL B 547 -8.20 -26.91 -36.66
N ASN B 548 -8.52 -27.54 -37.80
CA ASN B 548 -8.18 -26.95 -39.10
C ASN B 548 -9.45 -26.26 -39.63
N GLU B 549 -9.35 -25.61 -40.79
CA GLU B 549 -10.50 -24.93 -41.35
C GLU B 549 -11.75 -25.78 -41.51
N ASN B 550 -11.56 -27.07 -41.73
CA ASN B 550 -12.70 -27.97 -41.88
C ASN B 550 -13.19 -28.44 -40.52
N ASP B 551 -12.68 -27.81 -39.47
CA ASP B 551 -13.05 -28.14 -38.10
C ASP B 551 -12.77 -29.61 -37.80
N GLU B 552 -11.59 -30.06 -38.20
CA GLU B 552 -11.17 -31.44 -37.94
C GLU B 552 -10.15 -31.37 -36.81
N LEU B 553 -10.44 -32.05 -35.71
CA LEU B 553 -9.56 -32.04 -34.56
C LEU B 553 -8.11 -32.35 -34.93
N LEU B 554 -7.19 -31.46 -34.58
CA LEU B 554 -5.77 -31.64 -34.87
C LEU B 554 -4.96 -31.93 -33.61
N ALA B 555 -5.44 -31.40 -32.48
CA ALA B 555 -4.76 -31.59 -31.20
C ALA B 555 -5.49 -30.88 -30.06
N THR B 556 -4.96 -31.05 -28.85
CA THR B 556 -5.51 -30.41 -27.66
C THR B 556 -4.39 -29.68 -26.95
N GLY B 557 -4.73 -28.56 -26.32
CA GLY B 557 -3.73 -27.80 -25.62
C GLY B 557 -4.36 -26.80 -24.69
N GLN B 558 -3.55 -25.89 -24.19
CA GLN B 558 -4.02 -24.86 -23.30
C GLN B 558 -3.71 -23.51 -23.93
N ALA B 559 -4.68 -22.61 -23.93
CA ALA B 559 -4.50 -21.28 -24.51
C ALA B 559 -3.55 -20.41 -23.69
N LEU B 560 -2.72 -19.64 -24.37
CA LEU B 560 -1.79 -18.74 -23.69
C LEU B 560 -2.19 -17.31 -23.96
N LEU B 561 -3.24 -17.15 -24.75
CA LEU B 561 -3.78 -15.85 -25.11
C LEU B 561 -5.29 -15.99 -25.21
N SER B 562 -5.98 -14.86 -25.36
CA SER B 562 -7.43 -14.90 -25.51
C SER B 562 -7.65 -15.20 -27.00
N GLY B 563 -8.84 -15.71 -27.34
CA GLY B 563 -9.14 -16.01 -28.73
C GLY B 563 -8.85 -14.84 -29.64
N ARG B 564 -9.35 -13.67 -29.26
CA ARG B 564 -9.16 -12.45 -30.04
C ARG B 564 -7.66 -12.19 -30.22
N GLU B 565 -6.89 -12.41 -29.16
CA GLU B 565 -5.45 -12.18 -29.23
C GLU B 565 -4.71 -13.15 -30.16
N MET B 566 -5.13 -14.42 -30.17
CA MET B 566 -4.48 -15.42 -31.01
C MET B 566 -4.52 -15.05 -32.48
N ILE B 567 -5.55 -14.31 -32.86
CA ILE B 567 -5.72 -13.91 -34.25
C ILE B 567 -4.79 -12.78 -34.64
N VAL B 568 -4.85 -11.67 -33.89
CA VAL B 568 -4.03 -10.51 -34.16
C VAL B 568 -2.52 -10.69 -33.95
N PHE B 569 -2.14 -11.47 -32.94
CA PHE B 569 -0.72 -11.69 -32.64
C PHE B 569 0.04 -12.47 -33.70
N GLN B 570 1.21 -11.96 -34.06
CA GLN B 570 2.04 -12.60 -35.07
C GLN B 570 3.32 -13.17 -34.46
N TYR B 571 3.52 -12.93 -33.16
CA TYR B 571 4.70 -13.44 -32.47
C TYR B 571 4.29 -14.20 -31.20
N GLY B 572 5.05 -15.24 -30.87
CA GLY B 572 4.76 -16.00 -29.66
C GLY B 572 3.84 -17.19 -29.84
N ARG B 573 3.77 -18.04 -28.82
CA ARG B 573 2.92 -19.22 -28.83
C ARG B 573 1.50 -18.84 -28.49
N ALA B 574 0.54 -19.54 -29.08
CA ALA B 574 -0.87 -19.28 -28.82
C ALA B 574 -1.43 -20.45 -28.02
N VAL B 575 -0.96 -21.65 -28.31
CA VAL B 575 -1.42 -22.83 -27.60
C VAL B 575 -0.31 -23.79 -27.23
N LYS B 576 -0.30 -24.20 -25.97
CA LYS B 576 0.69 -25.18 -25.49
C LYS B 576 -0.04 -26.49 -25.67
N VAL B 577 0.34 -27.23 -26.70
CA VAL B 577 -0.29 -28.50 -27.01
C VAL B 577 0.03 -29.65 -26.06
N ARG B 578 -1.02 -30.29 -25.55
CA ARG B 578 -0.86 -31.41 -24.64
C ARG B 578 -0.63 -32.67 -25.46
N LYS B 579 -1.43 -32.86 -26.51
CA LYS B 579 -1.30 -34.03 -27.37
C LYS B 579 -2.01 -33.88 -28.71
N GLY B 580 -1.29 -34.22 -29.78
CA GLY B 580 -1.87 -34.14 -31.12
C GLY B 580 -2.79 -35.32 -31.37
N VAL B 581 -3.24 -35.46 -32.62
CA VAL B 581 -4.13 -36.55 -32.97
C VAL B 581 -3.44 -37.62 -33.82
N GLU B 582 -2.75 -37.17 -34.87
CA GLU B 582 -2.05 -38.08 -35.76
C GLU B 582 -0.97 -38.84 -35.01
ZN ZN C . 15.72 -5.30 0.05
MG MG D . 0.61 15.03 35.70
N9 GUN E . 8.61 -13.66 23.84
C8 GUN E . 7.47 -13.94 23.09
N7 GUN E . 6.34 -13.85 23.75
C5 GUN E . 6.72 -13.48 25.02
C6 GUN E . 5.89 -13.23 26.18
O6 GUN E . 4.67 -13.31 26.25
N1 GUN E . 6.66 -12.88 27.31
C2 GUN E . 8.05 -12.78 27.34
N2 GUN E . 8.58 -12.44 28.51
N3 GUN E . 8.85 -13.00 26.25
C4 GUN E . 8.11 -13.36 25.12
ZN ZN F . 14.99 6.83 -1.66
MG MG G . -2.43 -14.87 -35.46
#